data_3BM6
#
_entry.id   3BM6
#
_cell.length_a   118.908
_cell.length_b   77.180
_cell.length_c   97.937
_cell.angle_alpha   90.00
_cell.angle_beta   115.98
_cell.angle_gamma   90.00
#
_symmetry.space_group_name_H-M   'C 1 2 1'
#
loop_
_entity.id
_entity.type
_entity.pdbx_description
1 polymer Beta-lactamase
2 non-polymer '4-(dihydroxyboranyl)-2-({[4-(phenylsulfonyl)thiophen-2-yl]sulfonyl}amino)benzoic acid'
3 water water
#
_entity_poly.entity_id   1
_entity_poly.type   'polypeptide(L)'
_entity_poly.pdbx_seq_one_letter_code
;APQQINDIVHRTITPLIEQQKIPGMAVAVIYQGKPYYFTWGYADIAKKQPVTQQTLFELGSVSKTFTGVLGGDAIARGEI
KLSDPTTKYWPELTAKQWNGITLLHLATYTAGGLPLQVPDEVKSSSDLLRFYQNWQPAWAPGTQRLYANSSIGLFGALAV
KPSGLSFEQAMQTRVFQPLKLNHTWINVPPAEEKNYAWGYREGKAVHVSPGALDAEAYGVKSTIEDMARWVQSNLKPLDI
NEKTLQQGIQLAQSRYWQTGDMYQGLGWEMLDWPVNPDSIINGSDNKIALAARPVKAITPPTPAVRASWVHKTGATGGFG
SYVAFIPEKELGIVMLANKNYPNPARVDAAWQILNALQ
;
_entity_poly.pdbx_strand_id   A,B
#
loop_
_chem_comp.id
_chem_comp.type
_chem_comp.name
_chem_comp.formula
C9P non-polymer '4-(dihydroxyboranyl)-2-({[4-(phenylsulfonyl)thiophen-2-yl]sulfonyl}amino)benzoic acid' 'C17 H14 B N O8 S3'
#
# COMPACT_ATOMS: atom_id res chain seq x y z
N ALA A 1 -18.33 -30.91 -9.77
CA ALA A 1 -17.45 -30.87 -10.97
C ALA A 1 -18.26 -30.58 -12.23
N PRO A 2 -18.63 -29.30 -12.44
CA PRO A 2 -19.41 -28.90 -13.63
C PRO A 2 -18.79 -29.50 -14.88
N GLN A 3 -19.62 -29.89 -15.84
CA GLN A 3 -19.11 -30.48 -17.07
C GLN A 3 -18.27 -29.46 -17.81
N GLN A 4 -18.70 -28.21 -17.76
CA GLN A 4 -18.00 -27.09 -18.39
C GLN A 4 -16.51 -27.15 -18.04
N ILE A 5 -16.21 -27.17 -16.74
CA ILE A 5 -14.83 -27.23 -16.26
C ILE A 5 -14.18 -28.57 -16.58
N ASN A 6 -14.93 -29.65 -16.37
CA ASN A 6 -14.41 -30.99 -16.62
C ASN A 6 -13.92 -31.16 -18.06
N ASP A 7 -14.72 -30.72 -19.01
CA ASP A 7 -14.37 -30.84 -20.42
C ASP A 7 -13.14 -30.04 -20.84
N ILE A 8 -13.14 -28.74 -20.55
CA ILE A 8 -12.00 -27.92 -20.93
C ILE A 8 -10.71 -28.43 -20.32
N VAL A 9 -10.75 -28.77 -19.03
CA VAL A 9 -9.55 -29.26 -18.36
C VAL A 9 -9.02 -30.55 -19.00
N HIS A 10 -9.88 -31.54 -19.18
CA HIS A 10 -9.41 -32.79 -19.80
C HIS A 10 -9.01 -32.65 -21.26
N ARG A 11 -9.75 -31.85 -22.02
CA ARG A 11 -9.43 -31.68 -23.43
C ARG A 11 -8.08 -30.98 -23.61
N THR A 12 -7.75 -30.10 -22.66
CA THR A 12 -6.49 -29.36 -22.70
C THR A 12 -5.32 -30.15 -22.13
N ILE A 13 -5.46 -30.63 -20.90
CA ILE A 13 -4.41 -31.37 -20.20
C ILE A 13 -4.01 -32.73 -20.79
N THR A 14 -4.99 -33.52 -21.24
CA THR A 14 -4.71 -34.83 -21.79
C THR A 14 -3.69 -34.80 -22.93
N PRO A 15 -3.87 -33.88 -23.90
CA PRO A 15 -2.91 -33.80 -25.02
C PRO A 15 -1.55 -33.30 -24.50
N LEU A 16 -1.60 -32.35 -23.57
CA LEU A 16 -0.39 -31.79 -22.98
C LEU A 16 0.45 -32.91 -22.38
N ILE A 17 -0.16 -33.73 -21.54
CA ILE A 17 0.52 -34.84 -20.89
C ILE A 17 1.17 -35.79 -21.89
N GLU A 18 0.49 -36.07 -23.00
CA GLU A 18 1.04 -36.98 -24.00
C GLU A 18 2.17 -36.34 -24.82
N GLN A 19 1.96 -35.12 -25.27
CA GLN A 19 2.97 -34.43 -26.07
C GLN A 19 4.27 -34.25 -25.29
N GLN A 20 4.15 -33.81 -24.04
CA GLN A 20 5.34 -33.57 -23.21
C GLN A 20 5.84 -34.81 -22.47
N LYS A 21 5.14 -35.92 -22.59
CA LYS A 21 5.54 -37.16 -21.91
C LYS A 21 5.66 -36.96 -20.39
N ILE A 22 4.68 -36.28 -19.79
CA ILE A 22 4.65 -36.01 -18.35
C ILE A 22 4.11 -37.24 -17.59
N PRO A 23 4.91 -37.79 -16.65
CA PRO A 23 4.58 -38.95 -15.83
C PRO A 23 3.36 -38.79 -14.93
N GLY A 24 3.25 -37.64 -14.28
CA GLY A 24 2.15 -37.39 -13.39
C GLY A 24 1.85 -35.90 -13.32
N MET A 25 0.59 -35.57 -13.08
CA MET A 25 0.18 -34.19 -12.99
C MET A 25 -1.04 -34.05 -12.11
N ALA A 26 -1.20 -32.86 -11.56
CA ALA A 26 -2.34 -32.53 -10.73
C ALA A 26 -2.71 -31.10 -11.13
N VAL A 27 -4.00 -30.85 -11.28
CA VAL A 27 -4.48 -29.55 -11.65
C VAL A 27 -5.66 -29.15 -10.76
N ALA A 28 -5.76 -27.87 -10.46
CA ALA A 28 -6.87 -27.36 -9.67
C ALA A 28 -7.37 -26.10 -10.34
N VAL A 29 -8.67 -26.00 -10.54
CA VAL A 29 -9.24 -24.82 -11.11
C VAL A 29 -10.07 -24.18 -10.02
N ILE A 30 -9.85 -22.89 -9.79
CA ILE A 30 -10.62 -22.17 -8.81
C ILE A 30 -11.65 -21.45 -9.64
N TYR A 31 -12.91 -21.87 -9.50
CA TYR A 31 -14.01 -21.30 -10.26
C TYR A 31 -15.01 -20.67 -9.30
N GLN A 32 -15.22 -19.37 -9.43
CA GLN A 32 -16.15 -18.67 -8.56
C GLN A 32 -15.75 -18.89 -7.10
N GLY A 33 -14.44 -19.00 -6.86
CA GLY A 33 -13.96 -19.19 -5.50
C GLY A 33 -13.89 -20.61 -4.97
N LYS A 34 -14.46 -21.57 -5.69
CA LYS A 34 -14.44 -22.96 -5.25
C LYS A 34 -13.40 -23.74 -6.04
N PRO A 35 -12.70 -24.67 -5.38
CA PRO A 35 -11.67 -25.47 -6.06
C PRO A 35 -12.18 -26.78 -6.63
N TYR A 36 -11.60 -27.19 -7.76
CA TYR A 36 -11.95 -28.44 -8.41
C TYR A 36 -10.63 -29.10 -8.79
N TYR A 37 -10.45 -30.36 -8.37
CA TYR A 37 -9.20 -31.07 -8.60
C TYR A 37 -9.23 -32.13 -9.68
N PHE A 38 -8.06 -32.35 -10.28
CA PHE A 38 -7.89 -33.33 -11.35
C PHE A 38 -6.48 -33.92 -11.23
N THR A 39 -6.36 -35.23 -11.42
CA THR A 39 -5.04 -35.87 -11.33
C THR A 39 -4.83 -36.89 -12.43
N TRP A 40 -3.57 -37.11 -12.80
CA TRP A 40 -3.21 -38.05 -13.84
C TRP A 40 -1.88 -38.72 -13.56
N GLY A 41 -1.73 -39.93 -14.07
CA GLY A 41 -0.47 -40.64 -13.96
C GLY A 41 0.13 -41.00 -12.61
N TYR A 42 1.46 -41.11 -12.64
CA TYR A 42 2.23 -41.53 -11.47
C TYR A 42 3.13 -40.52 -10.77
N ALA A 43 3.23 -40.70 -9.45
CA ALA A 43 4.06 -39.88 -8.60
C ALA A 43 5.41 -40.60 -8.50
N ASP A 44 5.35 -41.92 -8.55
CA ASP A 44 6.52 -42.80 -8.49
C ASP A 44 6.28 -43.90 -9.52
N ILE A 45 6.98 -43.82 -10.65
CA ILE A 45 6.82 -44.81 -11.71
C ILE A 45 7.24 -46.20 -11.25
N ALA A 46 8.44 -46.28 -10.67
CA ALA A 46 8.98 -47.55 -10.19
C ALA A 46 7.99 -48.38 -9.37
N LYS A 47 7.38 -47.78 -8.36
CA LYS A 47 6.44 -48.53 -7.54
C LYS A 47 4.96 -48.19 -7.76
N LYS A 48 4.64 -47.84 -9.00
CA LYS A 48 3.28 -47.51 -9.43
C LYS A 48 2.42 -46.71 -8.46
N GLN A 49 2.99 -45.72 -7.79
CA GLN A 49 2.18 -44.91 -6.89
C GLN A 49 1.54 -43.84 -7.74
N PRO A 50 0.20 -43.74 -7.69
CA PRO A 50 -0.49 -42.72 -8.50
C PRO A 50 -0.44 -41.33 -7.89
N VAL A 51 -0.73 -40.32 -8.72
CA VAL A 51 -0.77 -38.96 -8.24
C VAL A 51 -2.15 -38.79 -7.61
N THR A 52 -2.19 -38.19 -6.43
CA THR A 52 -3.47 -37.97 -5.74
C THR A 52 -3.52 -36.52 -5.29
N GLN A 53 -4.57 -36.15 -4.60
CA GLN A 53 -4.70 -34.79 -4.11
C GLN A 53 -3.74 -34.55 -2.96
N GLN A 54 -3.11 -35.63 -2.49
CA GLN A 54 -2.16 -35.54 -1.38
C GLN A 54 -0.70 -35.70 -1.81
N THR A 55 -0.47 -35.82 -3.11
CA THR A 55 0.90 -35.97 -3.60
C THR A 55 1.66 -34.65 -3.46
N LEU A 56 2.88 -34.72 -2.95
CA LEU A 56 3.72 -33.53 -2.80
C LEU A 56 4.58 -33.34 -4.05
N PHE A 57 4.58 -32.12 -4.59
CA PHE A 57 5.36 -31.76 -5.77
C PHE A 57 6.36 -30.65 -5.40
N GLU A 58 7.55 -30.65 -6.01
CA GLU A 58 8.50 -29.58 -5.74
C GLU A 58 8.01 -28.39 -6.55
N LEU A 59 7.81 -27.25 -5.90
CA LEU A 59 7.31 -26.06 -6.58
C LEU A 59 8.36 -25.25 -7.32
N GLY A 60 9.64 -25.52 -7.07
CA GLY A 60 10.66 -24.74 -7.76
C GLY A 60 10.51 -23.27 -7.39
N SER A 61 10.65 -22.38 -8.36
CA SER A 61 10.57 -20.95 -8.08
C SER A 61 9.17 -20.44 -7.74
N VAL A 62 8.16 -21.30 -7.74
CA VAL A 62 6.83 -20.79 -7.34
C VAL A 62 6.96 -20.47 -5.84
N SER A 63 8.00 -21.02 -5.22
CA SER A 63 8.31 -20.78 -3.81
C SER A 63 8.52 -19.28 -3.59
N LYS A 64 9.04 -18.61 -4.61
CA LYS A 64 9.30 -17.17 -4.54
C LYS A 64 8.06 -16.35 -4.20
N THR A 65 6.88 -16.89 -4.50
CA THR A 65 5.64 -16.16 -4.19
C THR A 65 5.41 -16.21 -2.67
N PHE A 66 5.77 -17.32 -2.04
CA PHE A 66 5.63 -17.45 -0.59
C PHE A 66 6.64 -16.50 0.06
N THR A 67 7.86 -16.49 -0.46
CA THR A 67 8.90 -15.61 0.05
C THR A 67 8.46 -14.15 -0.06
N GLY A 68 7.84 -13.79 -1.19
CA GLY A 68 7.40 -12.42 -1.37
C GLY A 68 6.31 -12.03 -0.37
N VAL A 69 5.40 -12.95 -0.08
CA VAL A 69 4.32 -12.70 0.87
C VAL A 69 4.85 -12.64 2.31
N LEU A 70 5.80 -13.51 2.64
CA LEU A 70 6.41 -13.55 3.98
C LEU A 70 7.08 -12.19 4.20
N GLY A 71 7.80 -11.73 3.19
CA GLY A 71 8.46 -10.44 3.28
C GLY A 71 7.45 -9.33 3.45
N GLY A 72 6.36 -9.42 2.69
CA GLY A 72 5.33 -8.40 2.78
C GLY A 72 4.67 -8.37 4.15
N ASP A 73 4.58 -9.53 4.78
CA ASP A 73 3.97 -9.66 6.09
C ASP A 73 4.89 -9.00 7.12
N ALA A 74 6.20 -9.15 6.91
CA ALA A 74 7.19 -8.56 7.81
C ALA A 74 7.12 -7.03 7.68
N ILE A 75 6.73 -6.55 6.50
CA ILE A 75 6.62 -5.11 6.25
C ILE A 75 5.41 -4.58 7.00
N ALA A 76 4.29 -5.30 6.88
CA ALA A 76 3.05 -4.91 7.56
C ALA A 76 3.24 -4.96 9.06
N ARG A 77 4.14 -5.81 9.53
CA ARG A 77 4.43 -5.94 10.95
C ARG A 77 5.36 -4.83 11.41
N GLY A 78 5.81 -4.01 10.47
CA GLY A 78 6.72 -2.93 10.81
C GLY A 78 8.11 -3.42 11.21
N GLU A 79 8.46 -4.63 10.81
CA GLU A 79 9.77 -5.18 11.14
C GLU A 79 10.84 -4.75 10.13
N ILE A 80 10.43 -4.47 8.90
CA ILE A 80 11.35 -4.03 7.85
C ILE A 80 10.67 -3.05 6.92
N LYS A 81 11.44 -2.45 6.02
CA LYS A 81 10.90 -1.50 5.05
C LYS A 81 11.61 -1.74 3.74
N LEU A 82 10.88 -1.70 2.63
CA LEU A 82 11.47 -1.92 1.32
C LEU A 82 12.46 -0.81 0.99
N SER A 83 12.31 0.33 1.66
CA SER A 83 13.20 1.48 1.48
C SER A 83 14.51 1.34 2.24
N ASP A 84 14.60 0.36 3.12
CA ASP A 84 15.81 0.17 3.92
C ASP A 84 17.00 -0.36 3.14
N PRO A 85 18.20 0.15 3.44
CA PRO A 85 19.44 -0.27 2.79
C PRO A 85 19.72 -1.72 3.17
N THR A 86 20.25 -2.50 2.23
CA THR A 86 20.56 -3.89 2.50
C THR A 86 21.49 -4.04 3.70
N THR A 87 22.36 -3.05 3.89
CA THR A 87 23.34 -3.09 4.98
C THR A 87 22.73 -2.93 6.38
N LYS A 88 21.56 -2.33 6.47
CA LYS A 88 20.92 -2.16 7.77
C LYS A 88 20.67 -3.50 8.45
N TYR A 89 20.48 -4.55 7.66
CA TYR A 89 20.21 -5.89 8.18
C TYR A 89 21.39 -6.83 8.07
N TRP A 90 22.45 -6.39 7.39
CA TRP A 90 23.65 -7.17 7.23
C TRP A 90 24.82 -6.17 7.16
N PRO A 91 25.18 -5.59 8.32
CA PRO A 91 26.25 -4.60 8.47
C PRO A 91 27.60 -5.03 7.91
N GLU A 92 27.89 -6.34 8.02
CA GLU A 92 29.16 -6.87 7.54
C GLU A 92 29.29 -6.80 6.02
N LEU A 93 28.26 -6.29 5.35
CA LEU A 93 28.30 -6.15 3.91
C LEU A 93 28.79 -4.72 3.68
N THR A 94 30.10 -4.51 3.88
CA THR A 94 30.69 -3.20 3.76
C THR A 94 31.21 -2.78 2.38
N ALA A 95 31.32 -3.72 1.44
CA ALA A 95 31.80 -3.37 0.10
C ALA A 95 30.99 -2.17 -0.41
N LYS A 96 31.67 -1.23 -1.05
CA LYS A 96 31.06 0.00 -1.56
C LYS A 96 29.94 -0.14 -2.58
N GLN A 97 29.92 -1.23 -3.34
CA GLN A 97 28.88 -1.42 -4.35
C GLN A 97 27.48 -1.57 -3.74
N TRP A 98 27.40 -1.83 -2.44
CA TRP A 98 26.10 -2.01 -1.80
C TRP A 98 25.39 -0.74 -1.36
N ASN A 99 26.15 0.34 -1.20
CA ASN A 99 25.64 1.64 -0.77
C ASN A 99 24.14 1.94 -0.97
N GLY A 100 23.70 2.07 -2.22
CA GLY A 100 22.31 2.39 -2.48
C GLY A 100 21.40 1.24 -2.87
N ILE A 101 21.76 0.02 -2.49
CA ILE A 101 20.95 -1.15 -2.81
C ILE A 101 19.98 -1.44 -1.65
N THR A 102 18.69 -1.34 -1.92
CA THR A 102 17.66 -1.55 -0.91
C THR A 102 16.99 -2.95 -0.98
N LEU A 103 16.19 -3.26 0.04
CA LEU A 103 15.49 -4.54 0.09
C LEU A 103 14.55 -4.62 -1.13
N LEU A 104 14.05 -3.48 -1.58
CA LEU A 104 13.16 -3.45 -2.74
C LEU A 104 13.92 -4.03 -3.95
N HIS A 105 15.14 -3.57 -4.15
CA HIS A 105 15.97 -4.03 -5.25
C HIS A 105 16.21 -5.54 -5.16
N LEU A 106 16.50 -6.02 -3.97
CA LEU A 106 16.75 -7.45 -3.79
C LEU A 106 15.50 -8.25 -4.13
N ALA A 107 14.36 -7.80 -3.62
CA ALA A 107 13.09 -8.47 -3.82
C ALA A 107 12.62 -8.53 -5.26
N THR A 108 12.92 -7.48 -6.03
CA THR A 108 12.47 -7.38 -7.41
C THR A 108 13.51 -7.61 -8.51
N TYR A 109 14.65 -8.16 -8.13
CA TYR A 109 15.73 -8.47 -9.07
C TYR A 109 16.32 -7.24 -9.78
N THR A 110 16.24 -6.08 -9.13
CA THR A 110 16.78 -4.87 -9.74
C THR A 110 17.95 -4.25 -8.97
N ALA A 111 18.78 -5.10 -8.37
CA ALA A 111 19.93 -4.64 -7.58
C ALA A 111 21.14 -4.26 -8.44
N GLY A 112 21.15 -4.68 -9.70
CA GLY A 112 22.25 -4.34 -10.58
C GLY A 112 22.98 -5.53 -11.17
N GLY A 113 22.28 -6.65 -11.30
CA GLY A 113 22.92 -7.82 -11.88
C GLY A 113 23.29 -8.97 -10.97
N LEU A 114 22.61 -9.12 -9.83
CA LEU A 114 22.92 -10.27 -8.97
C LEU A 114 22.66 -11.48 -9.86
N PRO A 115 23.54 -12.49 -9.83
CA PRO A 115 23.43 -13.71 -10.63
C PRO A 115 22.25 -14.65 -10.36
N LEU A 116 21.74 -15.26 -11.43
CA LEU A 116 20.62 -16.18 -11.37
C LEU A 116 20.82 -17.25 -10.31
N GLN A 117 22.01 -17.84 -10.28
CA GLN A 117 22.32 -18.88 -9.32
C GLN A 117 23.40 -18.49 -8.32
N VAL A 118 23.25 -18.99 -7.10
CA VAL A 118 24.24 -18.79 -6.06
C VAL A 118 25.19 -19.93 -6.35
N PRO A 119 26.49 -19.64 -6.53
CA PRO A 119 27.45 -20.70 -6.83
C PRO A 119 27.37 -21.88 -5.87
N ASP A 120 27.57 -23.09 -6.40
CA ASP A 120 27.52 -24.30 -5.60
C ASP A 120 28.62 -24.33 -4.55
N GLU A 121 29.66 -23.53 -4.77
CA GLU A 121 30.78 -23.45 -3.84
C GLU A 121 30.38 -22.77 -2.54
N VAL A 122 29.36 -21.92 -2.60
CA VAL A 122 28.90 -21.21 -1.42
C VAL A 122 28.07 -22.09 -0.50
N LYS A 123 28.39 -22.07 0.79
CA LYS A 123 27.68 -22.88 1.78
C LYS A 123 27.62 -22.21 3.15
N SER A 124 28.78 -21.95 3.74
CA SER A 124 28.89 -21.31 5.05
C SER A 124 28.21 -19.95 5.03
N SER A 125 27.95 -19.39 6.22
CA SER A 125 27.37 -18.05 6.31
C SER A 125 28.49 -17.16 5.80
N SER A 126 29.72 -17.56 6.12
CA SER A 126 30.92 -16.84 5.71
C SER A 126 31.08 -16.90 4.20
N ASP A 127 30.83 -18.07 3.61
CA ASP A 127 30.94 -18.23 2.16
C ASP A 127 29.93 -17.32 1.48
N LEU A 128 28.75 -17.21 2.08
CA LEU A 128 27.71 -16.39 1.51
C LEU A 128 28.13 -14.91 1.61
N LEU A 129 28.78 -14.54 2.71
CA LEU A 129 29.23 -13.17 2.89
C LEU A 129 30.26 -12.79 1.84
N ARG A 130 31.25 -13.67 1.62
CA ARG A 130 32.27 -13.39 0.61
C ARG A 130 31.63 -13.22 -0.76
N PHE A 131 30.68 -14.10 -1.09
CA PHE A 131 30.00 -14.06 -2.37
C PHE A 131 29.41 -12.68 -2.68
N TYR A 132 28.62 -12.15 -1.76
CA TYR A 132 27.99 -10.85 -1.95
C TYR A 132 28.98 -9.67 -1.83
N GLN A 133 30.03 -9.85 -1.06
CA GLN A 133 31.03 -8.79 -0.90
C GLN A 133 31.83 -8.65 -2.19
N ASN A 134 32.21 -9.79 -2.77
CA ASN A 134 33.02 -9.81 -3.99
C ASN A 134 32.23 -9.55 -5.28
N TRP A 135 30.91 -9.61 -5.20
CA TRP A 135 30.06 -9.39 -6.37
C TRP A 135 30.13 -7.96 -6.90
N GLN A 136 30.28 -7.82 -8.21
CA GLN A 136 30.36 -6.50 -8.82
C GLN A 136 29.15 -6.25 -9.72
N PRO A 137 28.31 -5.26 -9.38
CA PRO A 137 27.15 -4.99 -10.23
C PRO A 137 27.56 -4.52 -11.63
N ALA A 138 26.69 -4.78 -12.61
CA ALA A 138 26.94 -4.38 -13.98
C ALA A 138 26.23 -3.07 -14.24
N TRP A 139 25.14 -2.83 -13.51
CA TRP A 139 24.36 -1.62 -13.66
C TRP A 139 24.05 -0.98 -12.32
N ALA A 140 23.59 0.27 -12.36
CA ALA A 140 23.22 0.98 -11.14
C ALA A 140 21.93 0.36 -10.61
N PRO A 141 21.67 0.53 -9.30
CA PRO A 141 20.45 -0.03 -8.70
C PRO A 141 19.21 0.54 -9.36
N GLY A 142 18.19 -0.29 -9.49
CA GLY A 142 16.93 0.16 -10.06
C GLY A 142 16.89 0.57 -11.53
N THR A 143 17.70 -0.04 -12.38
CA THR A 143 17.66 0.32 -13.79
C THR A 143 17.36 -0.89 -14.68
N GLN A 144 17.80 -2.07 -14.26
CA GLN A 144 17.54 -3.27 -15.02
C GLN A 144 17.12 -4.48 -14.18
N ARG A 145 16.25 -5.29 -14.76
CA ARG A 145 15.74 -6.50 -14.13
C ARG A 145 16.47 -7.75 -14.66
N LEU A 146 17.01 -8.54 -13.73
CA LEU A 146 17.70 -9.77 -14.09
C LEU A 146 17.23 -10.82 -13.09
N TYR A 147 16.32 -11.67 -13.54
CA TYR A 147 15.75 -12.73 -12.71
C TYR A 147 16.87 -13.46 -11.97
N ALA A 148 16.75 -13.60 -10.65
CA ALA A 148 17.82 -14.25 -9.91
C ALA A 148 17.48 -14.79 -8.50
N ASN A 149 17.98 -15.98 -8.20
CA ASN A 149 17.77 -16.58 -6.87
C ASN A 149 18.61 -15.81 -5.83
N SER A 150 19.74 -15.26 -6.28
CA SER A 150 20.65 -14.49 -5.42
C SER A 150 20.02 -13.24 -4.88
N SER A 151 19.10 -12.66 -5.64
CA SER A 151 18.44 -11.44 -5.20
C SER A 151 17.32 -11.72 -4.23
N ILE A 152 16.23 -12.30 -4.70
CA ILE A 152 15.09 -12.58 -3.82
C ILE A 152 15.47 -13.54 -2.70
N GLY A 153 16.46 -14.39 -2.95
CA GLY A 153 16.88 -15.32 -1.90
C GLY A 153 17.43 -14.54 -0.71
N LEU A 154 18.28 -13.55 -0.99
CA LEU A 154 18.87 -12.73 0.07
C LEU A 154 17.78 -11.90 0.73
N PHE A 155 16.83 -11.41 -0.07
CA PHE A 155 15.74 -10.62 0.47
C PHE A 155 15.00 -11.42 1.55
N GLY A 156 14.76 -12.70 1.24
CA GLY A 156 14.07 -13.57 2.18
C GLY A 156 14.83 -13.80 3.46
N ALA A 157 16.13 -14.05 3.36
CA ALA A 157 16.95 -14.28 4.54
C ALA A 157 17.02 -13.05 5.44
N LEU A 158 17.06 -11.85 4.85
CA LEU A 158 17.16 -10.63 5.63
C LEU A 158 15.82 -10.14 6.19
N ALA A 159 14.74 -10.38 5.46
CA ALA A 159 13.43 -9.93 5.90
C ALA A 159 12.97 -10.60 7.21
N VAL A 160 13.53 -11.77 7.53
CA VAL A 160 13.15 -12.48 8.75
C VAL A 160 14.12 -12.28 9.94
N LYS A 161 15.22 -11.56 9.72
CA LYS A 161 16.19 -11.38 10.81
C LYS A 161 15.59 -10.68 12.03
N PRO A 162 14.82 -9.61 11.82
CA PRO A 162 14.23 -8.91 12.97
C PRO A 162 13.39 -9.86 13.83
N SER A 163 12.77 -10.85 13.19
CA SER A 163 11.95 -11.84 13.87
C SER A 163 12.70 -12.67 14.89
N GLY A 164 13.96 -12.97 14.58
CA GLY A 164 14.75 -13.80 15.46
C GLY A 164 14.48 -15.26 15.11
N LEU A 165 13.56 -15.44 14.17
CA LEU A 165 13.16 -16.76 13.70
C LEU A 165 13.90 -17.20 12.45
N SER A 166 13.99 -18.50 12.27
CA SER A 166 14.63 -19.08 11.09
C SER A 166 13.68 -18.76 9.94
N PHE A 167 14.20 -18.73 8.71
CA PHE A 167 13.34 -18.44 7.57
C PHE A 167 12.20 -19.47 7.57
N GLU A 168 12.55 -20.74 7.73
CA GLU A 168 11.55 -21.80 7.75
C GLU A 168 10.53 -21.65 8.87
N GLN A 169 11.01 -21.40 10.09
CA GLN A 169 10.13 -21.24 11.25
C GLN A 169 9.19 -20.06 11.04
N ALA A 170 9.68 -19.02 10.39
CA ALA A 170 8.87 -17.83 10.14
C ALA A 170 7.83 -18.14 9.06
N MET A 171 8.21 -18.93 8.07
CA MET A 171 7.27 -19.26 7.00
C MET A 171 6.12 -20.11 7.55
N GLN A 172 6.44 -21.17 8.28
CA GLN A 172 5.38 -22.03 8.82
C GLN A 172 4.49 -21.29 9.83
N THR A 173 5.10 -20.50 10.69
CA THR A 173 4.37 -19.75 11.70
C THR A 173 3.55 -18.56 11.22
N ARG A 174 4.07 -17.83 10.25
CA ARG A 174 3.36 -16.64 9.75
C ARG A 174 2.61 -16.80 8.44
N VAL A 175 2.86 -17.89 7.72
CA VAL A 175 2.17 -18.07 6.45
C VAL A 175 1.46 -19.41 6.31
N PHE A 176 2.20 -20.50 6.45
CA PHE A 176 1.62 -21.84 6.31
C PHE A 176 0.46 -22.12 7.27
N GLN A 177 0.72 -22.04 8.57
CA GLN A 177 -0.31 -22.31 9.57
C GLN A 177 -1.53 -21.41 9.48
N PRO A 178 -1.35 -20.08 9.50
CA PRO A 178 -2.50 -19.19 9.41
C PRO A 178 -3.42 -19.48 8.21
N LEU A 179 -2.83 -19.97 7.13
CA LEU A 179 -3.61 -20.25 5.93
C LEU A 179 -4.08 -21.71 5.81
N LYS A 180 -3.75 -22.54 6.80
CA LYS A 180 -4.14 -23.95 6.78
C LYS A 180 -3.37 -24.78 5.76
N LEU A 181 -2.18 -24.33 5.38
CA LEU A 181 -1.39 -25.10 4.43
C LEU A 181 -0.63 -26.11 5.26
N ASN A 182 -1.37 -27.11 5.76
CA ASN A 182 -0.83 -28.16 6.61
C ASN A 182 -0.02 -29.21 5.90
N HIS A 183 0.01 -29.16 4.57
CA HIS A 183 0.79 -30.14 3.81
C HIS A 183 1.72 -29.46 2.82
N THR A 184 2.29 -28.35 3.27
CA THR A 184 3.23 -27.55 2.49
C THR A 184 4.51 -27.51 3.33
N TRP A 185 5.63 -27.93 2.74
CA TRP A 185 6.89 -28.00 3.47
C TRP A 185 8.12 -27.41 2.76
N ILE A 186 9.09 -27.00 3.58
CA ILE A 186 10.36 -26.49 3.08
C ILE A 186 11.26 -27.72 3.19
N ASN A 187 11.02 -28.51 4.25
CA ASN A 187 11.74 -29.75 4.48
C ASN A 187 10.67 -30.84 4.64
N VAL A 188 10.65 -31.82 3.75
CA VAL A 188 9.65 -32.88 3.83
C VAL A 188 9.87 -33.83 4.99
N PRO A 189 8.93 -33.89 5.93
CA PRO A 189 9.02 -34.77 7.11
C PRO A 189 8.97 -36.24 6.71
N PRO A 190 9.65 -37.10 7.48
CA PRO A 190 9.69 -38.54 7.21
C PRO A 190 8.28 -39.16 7.09
N ALA A 191 7.33 -38.60 7.83
CA ALA A 191 5.95 -39.08 7.81
C ALA A 191 5.24 -38.79 6.49
N GLU A 192 5.75 -37.82 5.74
CA GLU A 192 5.13 -37.44 4.46
C GLU A 192 5.91 -37.94 3.24
N GLU A 193 7.00 -38.66 3.46
CA GLU A 193 7.79 -39.15 2.35
C GLU A 193 6.99 -40.05 1.41
N LYS A 194 5.96 -40.70 1.93
CA LYS A 194 5.13 -41.58 1.11
C LYS A 194 4.32 -40.79 0.09
N ASN A 195 4.14 -39.50 0.33
CA ASN A 195 3.36 -38.63 -0.57
C ASN A 195 4.28 -37.80 -1.48
N TYR A 196 5.59 -37.89 -1.23
CA TYR A 196 6.57 -37.13 -1.98
C TYR A 196 6.83 -37.73 -3.36
N ALA A 197 6.22 -37.16 -4.39
CA ALA A 197 6.42 -37.67 -5.75
C ALA A 197 7.89 -37.54 -6.15
N TRP A 198 8.30 -38.37 -7.11
CA TRP A 198 9.66 -38.31 -7.62
C TRP A 198 9.62 -37.42 -8.85
N GLY A 199 10.69 -36.69 -9.10
CA GLY A 199 10.74 -35.85 -10.30
C GLY A 199 11.46 -36.66 -11.36
N TYR A 200 11.21 -36.37 -12.63
CA TYR A 200 11.89 -37.12 -13.67
C TYR A 200 12.60 -36.26 -14.69
N ARG A 201 13.88 -36.53 -14.85
CA ARG A 201 14.75 -35.82 -15.78
C ARG A 201 15.48 -36.89 -16.58
N GLU A 202 15.22 -36.93 -17.88
CA GLU A 202 15.86 -37.91 -18.75
C GLU A 202 15.57 -39.33 -18.25
N GLY A 203 14.36 -39.52 -17.74
CA GLY A 203 13.96 -40.84 -17.25
C GLY A 203 14.50 -41.24 -15.89
N LYS A 204 15.23 -40.35 -15.22
CA LYS A 204 15.76 -40.66 -13.91
C LYS A 204 14.97 -39.96 -12.80
N ALA A 205 14.77 -40.67 -11.69
CA ALA A 205 14.03 -40.13 -10.56
C ALA A 205 14.96 -39.22 -9.77
N VAL A 206 14.56 -37.97 -9.59
CA VAL A 206 15.40 -37.02 -8.85
C VAL A 206 14.63 -36.07 -7.96
N HIS A 207 15.29 -35.61 -6.91
CA HIS A 207 14.73 -34.63 -5.97
C HIS A 207 15.67 -33.43 -5.97
N VAL A 208 15.13 -32.25 -5.68
CA VAL A 208 15.96 -31.04 -5.67
C VAL A 208 17.12 -31.18 -4.67
N SER A 209 18.30 -30.73 -5.06
CA SER A 209 19.49 -30.80 -4.21
C SER A 209 19.62 -29.60 -3.28
N PRO A 210 20.18 -29.81 -2.08
CA PRO A 210 20.36 -28.72 -1.09
C PRO A 210 21.29 -27.64 -1.63
N GLY A 211 21.04 -26.39 -1.26
CA GLY A 211 21.88 -25.30 -1.72
C GLY A 211 21.69 -24.04 -0.90
N ALA A 212 22.65 -23.13 -0.97
CA ALA A 212 22.55 -21.88 -0.23
C ALA A 212 21.29 -21.14 -0.64
N LEU A 213 20.57 -20.62 0.33
CA LEU A 213 19.33 -19.90 0.11
C LEU A 213 18.26 -20.70 -0.64
N ASP A 214 18.35 -22.03 -0.64
CA ASP A 214 17.35 -22.85 -1.34
C ASP A 214 15.92 -22.63 -0.84
N ALA A 215 15.75 -22.61 0.48
CA ALA A 215 14.44 -22.43 1.10
C ALA A 215 13.75 -21.16 0.64
N GLU A 216 14.51 -20.08 0.55
CA GLU A 216 13.96 -18.79 0.16
C GLU A 216 13.74 -18.62 -1.35
N ALA A 217 14.45 -19.39 -2.17
CA ALA A 217 14.32 -19.24 -3.61
C ALA A 217 13.57 -20.31 -4.39
N TYR A 218 13.70 -21.58 -3.99
CA TYR A 218 13.04 -22.67 -4.71
C TYR A 218 12.87 -23.93 -3.85
N GLY A 219 12.70 -23.78 -2.54
CA GLY A 219 12.60 -24.98 -1.72
C GLY A 219 11.28 -25.51 -1.20
N VAL A 220 10.16 -24.91 -1.59
CA VAL A 220 8.87 -25.37 -1.09
C VAL A 220 8.23 -26.53 -1.88
N LYS A 221 7.70 -27.52 -1.14
CA LYS A 221 6.99 -28.65 -1.71
C LYS A 221 5.54 -28.58 -1.17
N SER A 222 4.54 -28.83 -2.02
CA SER A 222 3.13 -28.79 -1.61
C SER A 222 2.23 -29.75 -2.38
N THR A 223 0.96 -29.78 -1.99
CA THR A 223 -0.03 -30.62 -2.63
C THR A 223 -0.90 -29.73 -3.47
N ILE A 224 -1.64 -30.34 -4.39
CA ILE A 224 -2.53 -29.58 -5.26
C ILE A 224 -3.62 -28.90 -4.42
N GLU A 225 -4.00 -29.52 -3.30
CA GLU A 225 -5.03 -28.95 -2.44
C GLU A 225 -4.51 -27.70 -1.71
N ASP A 226 -3.30 -27.80 -1.16
CA ASP A 226 -2.73 -26.64 -0.48
C ASP A 226 -2.47 -25.49 -1.49
N MET A 227 -1.98 -25.82 -2.68
CA MET A 227 -1.74 -24.79 -3.69
C MET A 227 -3.03 -24.12 -4.11
N ALA A 228 -4.12 -24.89 -4.15
CA ALA A 228 -5.42 -24.33 -4.48
C ALA A 228 -5.78 -23.34 -3.39
N ARG A 229 -5.53 -23.73 -2.15
CA ARG A 229 -5.83 -22.87 -1.01
C ARG A 229 -4.93 -21.62 -1.07
N TRP A 230 -3.67 -21.80 -1.48
CA TRP A 230 -2.74 -20.67 -1.62
C TRP A 230 -3.33 -19.70 -2.65
N VAL A 231 -3.86 -20.24 -3.74
CA VAL A 231 -4.45 -19.41 -4.78
C VAL A 231 -5.67 -18.63 -4.30
N GLN A 232 -6.56 -19.29 -3.57
CA GLN A 232 -7.75 -18.65 -3.05
C GLN A 232 -7.37 -17.51 -2.13
N SER A 233 -6.30 -17.70 -1.36
CA SER A 233 -5.84 -16.67 -0.43
C SER A 233 -5.40 -15.41 -1.18
N ASN A 234 -4.61 -15.62 -2.24
CA ASN A 234 -4.11 -14.52 -3.05
C ASN A 234 -5.22 -13.88 -3.89
N LEU A 235 -6.28 -14.64 -4.15
CA LEU A 235 -7.43 -14.15 -4.91
C LEU A 235 -8.24 -13.17 -4.08
N LYS A 236 -8.47 -13.52 -2.82
CA LYS A 236 -9.26 -12.68 -1.93
C LYS A 236 -8.58 -12.55 -0.56
N PRO A 237 -7.51 -11.75 -0.48
CA PRO A 237 -6.80 -11.58 0.78
C PRO A 237 -7.68 -10.92 1.85
N LEU A 238 -8.76 -10.27 1.42
CA LEU A 238 -9.65 -9.60 2.35
C LEU A 238 -10.35 -10.59 3.27
N ASP A 239 -10.43 -11.85 2.85
CA ASP A 239 -11.07 -12.87 3.67
C ASP A 239 -10.11 -13.46 4.71
N ILE A 240 -8.85 -13.00 4.71
CA ILE A 240 -7.87 -13.51 5.67
C ILE A 240 -7.94 -12.74 6.99
N ASN A 241 -7.97 -13.47 8.09
CA ASN A 241 -8.08 -12.89 9.44
C ASN A 241 -6.82 -12.19 9.95
N GLU A 242 -5.67 -12.80 9.76
CA GLU A 242 -4.41 -12.20 10.21
C GLU A 242 -4.16 -10.90 9.43
N LYS A 243 -4.34 -9.77 10.11
CA LYS A 243 -4.16 -8.45 9.50
C LYS A 243 -2.87 -8.27 8.70
N THR A 244 -1.73 -8.56 9.31
CA THR A 244 -0.45 -8.39 8.63
C THR A 244 -0.27 -9.31 7.44
N LEU A 245 -0.87 -10.50 7.50
CA LEU A 245 -0.75 -11.44 6.39
C LEU A 245 -1.62 -10.98 5.23
N GLN A 246 -2.78 -10.44 5.54
CA GLN A 246 -3.71 -9.93 4.54
C GLN A 246 -2.99 -8.79 3.80
N GLN A 247 -2.35 -7.94 4.59
CA GLN A 247 -1.62 -6.80 4.08
C GLN A 247 -0.39 -7.28 3.29
N GLY A 248 0.28 -8.32 3.77
CA GLY A 248 1.44 -8.86 3.10
C GLY A 248 1.14 -9.38 1.70
N ILE A 249 -0.01 -10.02 1.55
CA ILE A 249 -0.43 -10.54 0.26
C ILE A 249 -0.70 -9.37 -0.70
N GLN A 250 -1.34 -8.33 -0.21
CA GLN A 250 -1.62 -7.18 -1.06
C GLN A 250 -0.34 -6.50 -1.54
N LEU A 251 0.65 -6.43 -0.67
CA LEU A 251 1.92 -5.82 -1.01
C LEU A 251 2.69 -6.66 -2.04
N ALA A 252 2.51 -7.98 -2.00
CA ALA A 252 3.22 -8.85 -2.94
C ALA A 252 2.65 -8.71 -4.34
N GLN A 253 1.42 -8.20 -4.44
CA GLN A 253 0.78 -8.03 -5.73
C GLN A 253 0.82 -6.60 -6.23
N SER A 254 1.49 -5.72 -5.49
CA SER A 254 1.61 -4.34 -5.93
C SER A 254 2.57 -4.28 -7.12
N ARG A 255 2.41 -3.29 -7.98
CA ARG A 255 3.27 -3.17 -9.15
C ARG A 255 4.42 -2.22 -8.88
N TYR A 256 5.62 -2.77 -8.77
CA TYR A 256 6.82 -1.98 -8.46
C TYR A 256 7.64 -1.53 -9.67
N TRP A 257 7.67 -2.35 -10.71
CA TRP A 257 8.43 -2.05 -11.92
C TRP A 257 7.69 -2.53 -13.14
N GLN A 258 7.94 -1.89 -14.26
CA GLN A 258 7.32 -2.28 -15.52
C GLN A 258 8.38 -2.50 -16.60
N THR A 259 8.23 -3.59 -17.32
CA THR A 259 9.10 -3.94 -18.43
C THR A 259 8.20 -4.57 -19.49
N GLY A 260 7.93 -3.81 -20.54
CA GLY A 260 7.05 -4.30 -21.60
C GLY A 260 5.63 -4.16 -21.08
N ASP A 261 4.87 -5.24 -21.10
CA ASP A 261 3.51 -5.21 -20.58
C ASP A 261 3.48 -6.00 -19.29
N MET A 262 4.66 -6.26 -18.72
CA MET A 262 4.77 -7.01 -17.48
C MET A 262 5.14 -6.10 -16.30
N TYR A 263 4.56 -6.41 -15.15
CA TYR A 263 4.82 -5.67 -13.92
C TYR A 263 5.42 -6.62 -12.90
N GLN A 264 6.42 -6.15 -12.17
CA GLN A 264 7.06 -6.98 -11.17
C GLN A 264 6.54 -6.70 -9.77
N GLY A 265 6.17 -7.77 -9.06
CA GLY A 265 5.69 -7.61 -7.70
C GLY A 265 6.72 -8.26 -6.80
N LEU A 266 6.30 -8.70 -5.61
CA LEU A 266 7.22 -9.38 -4.70
C LEU A 266 6.95 -10.87 -4.91
N GLY A 267 7.76 -11.48 -5.78
CA GLY A 267 7.56 -12.88 -6.08
C GLY A 267 6.61 -13.00 -7.26
N TRP A 268 5.39 -12.50 -7.10
CA TRP A 268 4.40 -12.56 -8.18
C TRP A 268 4.78 -11.59 -9.32
N GLU A 269 4.27 -11.90 -10.51
CA GLU A 269 4.46 -11.06 -11.69
C GLU A 269 3.05 -10.84 -12.23
N MET A 270 2.77 -9.65 -12.72
CA MET A 270 1.43 -9.33 -13.20
C MET A 270 1.35 -8.64 -14.56
N LEU A 271 0.17 -8.74 -15.16
CA LEU A 271 -0.13 -8.10 -16.45
C LEU A 271 -1.58 -7.70 -16.38
N ASP A 272 -1.92 -6.60 -17.06
CA ASP A 272 -3.30 -6.13 -17.07
C ASP A 272 -4.20 -7.15 -17.75
N TRP A 273 -5.43 -7.27 -17.25
CA TRP A 273 -6.40 -8.17 -17.84
C TRP A 273 -7.50 -7.30 -18.43
N PRO A 274 -8.02 -7.66 -19.61
CA PRO A 274 -7.66 -8.81 -20.45
C PRO A 274 -6.24 -8.75 -20.98
N VAL A 275 -5.56 -9.88 -20.92
CA VAL A 275 -4.17 -9.97 -21.37
C VAL A 275 -4.09 -10.53 -22.78
N ASN A 276 -2.96 -10.30 -23.43
CA ASN A 276 -2.74 -10.83 -24.77
C ASN A 276 -2.01 -12.14 -24.55
N PRO A 277 -2.65 -13.27 -24.90
CA PRO A 277 -2.10 -14.62 -24.75
C PRO A 277 -0.64 -14.75 -25.17
N ASP A 278 -0.35 -14.29 -26.37
CA ASP A 278 1.01 -14.36 -26.91
C ASP A 278 1.98 -13.62 -25.99
N SER A 279 1.54 -12.53 -25.36
CA SER A 279 2.38 -11.73 -24.47
C SER A 279 2.81 -12.52 -23.25
N ILE A 280 1.87 -13.27 -22.67
CA ILE A 280 2.19 -14.08 -21.49
C ILE A 280 2.77 -15.43 -21.88
N ILE A 281 2.25 -16.03 -22.94
CA ILE A 281 2.73 -17.33 -23.38
C ILE A 281 4.18 -17.23 -23.85
N ASN A 282 4.47 -16.32 -24.78
CA ASN A 282 5.81 -16.15 -25.30
C ASN A 282 6.75 -15.51 -24.28
N GLY A 283 6.17 -14.74 -23.36
CA GLY A 283 6.97 -14.08 -22.34
C GLY A 283 7.49 -15.04 -21.29
N SER A 284 6.80 -16.17 -21.13
CA SER A 284 7.20 -17.16 -20.14
C SER A 284 8.44 -17.94 -20.53
N ASP A 285 8.73 -17.99 -21.84
CA ASP A 285 9.90 -18.71 -22.31
C ASP A 285 11.16 -18.21 -21.60
N ASN A 286 11.91 -19.13 -21.02
CA ASN A 286 13.13 -18.80 -20.28
C ASN A 286 14.02 -17.79 -20.98
N LYS A 287 14.33 -18.04 -22.25
CA LYS A 287 15.18 -17.14 -23.02
C LYS A 287 14.76 -15.68 -22.85
N ILE A 288 13.50 -15.46 -22.50
CA ILE A 288 12.98 -14.10 -22.31
C ILE A 288 12.84 -13.73 -20.84
N ALA A 289 12.28 -14.64 -20.04
CA ALA A 289 12.08 -14.41 -18.62
C ALA A 289 13.38 -14.30 -17.80
N LEU A 290 14.47 -14.81 -18.37
CA LEU A 290 15.76 -14.80 -17.68
C LEU A 290 16.75 -13.77 -18.25
N ALA A 291 16.30 -12.99 -19.22
CA ALA A 291 17.15 -11.99 -19.87
C ALA A 291 17.23 -10.67 -19.09
N ALA A 292 18.27 -9.89 -19.37
CA ALA A 292 18.44 -8.60 -18.72
C ALA A 292 17.53 -7.61 -19.44
N ARG A 293 16.62 -6.98 -18.70
CA ARG A 293 15.69 -6.04 -19.28
C ARG A 293 15.59 -4.73 -18.50
N PRO A 294 15.66 -3.59 -19.20
CA PRO A 294 15.57 -2.32 -18.49
C PRO A 294 14.16 -2.15 -17.93
N VAL A 295 14.04 -1.56 -16.75
CA VAL A 295 12.74 -1.38 -16.16
C VAL A 295 12.41 0.06 -15.87
N LYS A 296 11.11 0.36 -15.92
CA LYS A 296 10.63 1.69 -15.61
C LYS A 296 10.09 1.58 -14.19
N ALA A 297 10.45 2.54 -13.35
CA ALA A 297 10.00 2.55 -11.97
C ALA A 297 8.57 3.05 -11.86
N ILE A 298 7.77 2.41 -11.02
CA ILE A 298 6.41 2.88 -10.81
C ILE A 298 6.47 3.63 -9.49
N THR A 299 6.49 4.95 -9.58
CA THR A 299 6.62 5.82 -8.41
C THR A 299 5.39 6.64 -8.06
N PRO A 300 4.66 6.27 -7.00
CA PRO A 300 4.93 5.13 -6.12
C PRO A 300 4.30 3.88 -6.73
N PRO A 301 4.58 2.70 -6.15
CA PRO A 301 3.99 1.47 -6.70
C PRO A 301 2.46 1.45 -6.70
N THR A 302 1.89 0.74 -7.67
CA THR A 302 0.43 0.65 -7.78
C THR A 302 -0.10 -0.50 -6.90
N PRO A 303 -1.08 -0.21 -6.03
CA PRO A 303 -1.64 -1.25 -5.16
C PRO A 303 -2.25 -2.35 -6.01
N ALA A 304 -2.17 -3.58 -5.54
CA ALA A 304 -2.72 -4.71 -6.28
C ALA A 304 -3.92 -4.31 -7.15
N VAL A 305 -3.86 -4.61 -8.45
CA VAL A 305 -4.94 -4.29 -9.38
C VAL A 305 -5.80 -5.53 -9.64
N ARG A 306 -7.08 -5.45 -9.26
CA ARG A 306 -8.03 -6.55 -9.43
C ARG A 306 -8.07 -7.11 -10.85
N ALA A 307 -8.09 -6.22 -11.84
CA ALA A 307 -8.13 -6.64 -13.24
C ALA A 307 -6.74 -7.02 -13.73
N SER A 308 -6.14 -8.03 -13.11
CA SER A 308 -4.80 -8.45 -13.49
C SER A 308 -4.74 -9.94 -13.67
N TRP A 309 -3.75 -10.37 -14.46
CA TRP A 309 -3.49 -11.79 -14.65
C TRP A 309 -2.23 -11.93 -13.79
N VAL A 310 -2.36 -12.55 -12.64
CA VAL A 310 -1.24 -12.72 -11.72
C VAL A 310 -0.69 -14.13 -11.86
N HIS A 311 0.62 -14.27 -11.98
CA HIS A 311 1.17 -15.61 -12.17
C HIS A 311 2.63 -15.82 -11.77
N LYS A 312 3.06 -17.06 -11.84
CA LYS A 312 4.45 -17.43 -11.55
C LYS A 312 4.72 -18.82 -12.08
N THR A 313 5.85 -18.99 -12.77
CA THR A 313 6.26 -20.29 -13.29
C THR A 313 7.31 -20.79 -12.33
N GLY A 314 7.52 -22.10 -12.32
CA GLY A 314 8.50 -22.66 -11.41
C GLY A 314 8.98 -24.01 -11.88
N ALA A 315 10.25 -24.31 -11.62
CA ALA A 315 10.80 -25.58 -12.04
C ALA A 315 12.00 -26.00 -11.23
N THR A 316 12.21 -27.31 -11.17
CA THR A 316 13.37 -27.88 -10.51
C THR A 316 13.86 -28.84 -11.58
N GLY A 317 14.95 -29.57 -11.30
CA GLY A 317 15.44 -30.50 -12.29
C GLY A 317 14.42 -31.52 -12.74
N GLY A 318 13.47 -31.85 -11.87
CA GLY A 318 12.48 -32.87 -12.23
C GLY A 318 11.02 -32.49 -12.13
N PHE A 319 10.71 -31.22 -11.86
CA PHE A 319 9.34 -30.78 -11.74
C PHE A 319 9.07 -29.48 -12.52
N GLY A 320 7.81 -29.29 -12.88
CA GLY A 320 7.40 -28.08 -13.60
C GLY A 320 6.09 -27.63 -13.02
N SER A 321 6.03 -26.37 -12.58
CA SER A 321 4.82 -25.83 -11.98
C SER A 321 4.39 -24.51 -12.59
N TYR A 322 3.14 -24.16 -12.37
CA TYR A 322 2.59 -22.91 -12.85
C TYR A 322 1.35 -22.55 -12.05
N VAL A 323 1.24 -21.26 -11.73
CA VAL A 323 0.10 -20.73 -10.99
C VAL A 323 -0.31 -19.42 -11.65
N ALA A 324 -1.61 -19.22 -11.80
CA ALA A 324 -2.12 -17.99 -12.41
C ALA A 324 -3.53 -17.73 -11.91
N PHE A 325 -3.88 -16.47 -11.72
CA PHE A 325 -5.22 -16.14 -11.26
C PHE A 325 -5.62 -14.74 -11.64
N ILE A 326 -6.92 -14.51 -11.69
CA ILE A 326 -7.47 -13.20 -12.03
C ILE A 326 -8.42 -12.82 -10.91
N PRO A 327 -7.96 -11.98 -9.97
CA PRO A 327 -8.75 -11.51 -8.82
C PRO A 327 -10.15 -11.03 -9.18
N GLU A 328 -10.24 -10.25 -10.24
CA GLU A 328 -11.52 -9.69 -10.68
C GLU A 328 -12.55 -10.73 -11.11
N LYS A 329 -12.10 -11.91 -11.51
CA LYS A 329 -13.01 -12.96 -11.95
C LYS A 329 -13.13 -14.08 -10.93
N GLU A 330 -12.36 -14.00 -9.84
CA GLU A 330 -12.38 -15.03 -8.81
C GLU A 330 -12.07 -16.36 -9.50
N LEU A 331 -11.15 -16.29 -10.46
CA LEU A 331 -10.77 -17.45 -11.24
C LEU A 331 -9.26 -17.69 -11.11
N GLY A 332 -8.85 -18.95 -11.08
CA GLY A 332 -7.44 -19.26 -10.96
C GLY A 332 -7.13 -20.70 -11.30
N ILE A 333 -5.84 -21.00 -11.49
CA ILE A 333 -5.46 -22.36 -11.83
C ILE A 333 -4.06 -22.69 -11.29
N VAL A 334 -3.84 -23.98 -11.01
CA VAL A 334 -2.57 -24.50 -10.52
C VAL A 334 -2.29 -25.76 -11.31
N MET A 335 -1.07 -25.88 -11.81
CA MET A 335 -0.65 -27.05 -12.59
C MET A 335 0.69 -27.52 -12.03
N LEU A 336 0.74 -28.75 -11.52
CA LEU A 336 1.94 -29.33 -10.96
C LEU A 336 2.27 -30.62 -11.69
N ALA A 337 3.52 -30.78 -12.11
CA ALA A 337 3.95 -31.98 -12.84
C ALA A 337 5.29 -32.46 -12.35
N ASN A 338 5.51 -33.78 -12.38
CA ASN A 338 6.80 -34.29 -11.95
C ASN A 338 7.69 -34.52 -13.17
N LYS A 339 7.75 -33.47 -13.98
CA LYS A 339 8.55 -33.44 -15.20
C LYS A 339 8.71 -31.96 -15.56
N ASN A 340 9.93 -31.52 -15.81
CA ASN A 340 10.17 -30.13 -16.19
C ASN A 340 9.94 -30.06 -17.70
N TYR A 341 8.94 -29.28 -18.12
CA TYR A 341 8.64 -29.11 -19.54
C TYR A 341 8.51 -27.61 -19.86
N PRO A 342 8.58 -27.24 -21.15
CA PRO A 342 8.49 -25.85 -21.62
C PRO A 342 7.42 -24.95 -20.98
N ASN A 343 7.85 -23.79 -20.46
CA ASN A 343 6.95 -22.82 -19.85
C ASN A 343 5.81 -22.40 -20.78
N PRO A 344 6.12 -22.16 -22.06
CA PRO A 344 5.08 -21.74 -23.00
C PRO A 344 3.90 -22.71 -23.04
N ALA A 345 4.21 -23.99 -22.99
CA ALA A 345 3.17 -25.02 -23.01
C ALA A 345 2.30 -24.91 -21.76
N ARG A 346 2.93 -24.65 -20.61
CA ARG A 346 2.22 -24.50 -19.35
C ARG A 346 1.25 -23.33 -19.46
N VAL A 347 1.79 -22.17 -19.81
CA VAL A 347 0.98 -20.97 -19.94
C VAL A 347 -0.08 -21.06 -21.02
N ASP A 348 0.19 -21.79 -22.10
CA ASP A 348 -0.81 -21.89 -23.16
C ASP A 348 -2.02 -22.68 -22.64
N ALA A 349 -1.72 -23.79 -21.97
CA ALA A 349 -2.76 -24.65 -21.42
C ALA A 349 -3.59 -23.90 -20.38
N ALA A 350 -2.92 -23.15 -19.51
CA ALA A 350 -3.60 -22.38 -18.48
C ALA A 350 -4.50 -21.33 -19.10
N TRP A 351 -4.02 -20.69 -20.16
CA TRP A 351 -4.80 -19.66 -20.85
C TRP A 351 -6.03 -20.29 -21.51
N GLN A 352 -5.81 -21.42 -22.18
CA GLN A 352 -6.91 -22.10 -22.86
C GLN A 352 -8.03 -22.42 -21.86
N ILE A 353 -7.65 -22.87 -20.66
CA ILE A 353 -8.62 -23.23 -19.62
C ILE A 353 -9.34 -22.04 -18.98
N LEU A 354 -8.59 -21.05 -18.51
CA LEU A 354 -9.20 -19.89 -17.87
C LEU A 354 -10.00 -19.02 -18.84
N ASN A 355 -9.52 -18.89 -20.07
CA ASN A 355 -10.22 -18.07 -21.06
C ASN A 355 -11.56 -18.71 -21.41
N ALA A 356 -11.62 -20.04 -21.35
CA ALA A 356 -12.84 -20.77 -21.65
C ALA A 356 -13.86 -20.62 -20.53
N LEU A 357 -13.38 -20.39 -19.31
CA LEU A 357 -14.27 -20.24 -18.16
C LEU A 357 -14.65 -18.79 -17.93
N GLN A 358 -14.32 -17.94 -18.91
CA GLN A 358 -14.59 -16.49 -18.95
C GLN A 358 -13.31 -15.69 -19.18
N ALA B 1 -17.34 11.17 31.61
CA ALA B 1 -15.89 11.01 31.25
C ALA B 1 -15.02 10.85 32.49
N PRO B 2 -14.09 9.87 32.46
CA PRO B 2 -13.17 9.58 33.57
C PRO B 2 -12.54 10.88 34.07
N GLN B 3 -12.35 10.99 35.38
CA GLN B 3 -11.79 12.22 35.93
C GLN B 3 -10.38 12.52 35.40
N GLN B 4 -9.67 11.50 34.97
CA GLN B 4 -8.33 11.69 34.42
C GLN B 4 -8.42 12.62 33.21
N ILE B 5 -9.37 12.31 32.32
CA ILE B 5 -9.58 13.11 31.12
C ILE B 5 -10.17 14.48 31.45
N ASN B 6 -11.21 14.50 32.28
CA ASN B 6 -11.82 15.77 32.66
C ASN B 6 -10.77 16.69 33.28
N ASP B 7 -9.91 16.11 34.13
CA ASP B 7 -8.87 16.87 34.81
C ASP B 7 -7.87 17.54 33.90
N ILE B 8 -7.23 16.76 33.03
CA ILE B 8 -6.24 17.31 32.14
C ILE B 8 -6.84 18.23 31.08
N VAL B 9 -8.06 17.96 30.64
CA VAL B 9 -8.66 18.83 29.63
C VAL B 9 -9.01 20.20 30.25
N HIS B 10 -9.66 20.18 31.40
CA HIS B 10 -10.07 21.40 32.08
C HIS B 10 -8.88 22.30 32.43
N ARG B 11 -7.78 21.71 32.90
CA ARG B 11 -6.61 22.49 33.25
C ARG B 11 -5.79 22.95 32.05
N THR B 12 -5.98 22.31 30.90
CA THR B 12 -5.23 22.67 29.71
C THR B 12 -5.99 23.62 28.78
N ILE B 13 -7.21 23.24 28.41
CA ILE B 13 -8.02 24.04 27.49
C ILE B 13 -8.68 25.32 28.03
N THR B 14 -9.17 25.31 29.28
CA THR B 14 -9.81 26.50 29.83
C THR B 14 -8.84 27.69 29.92
N PRO B 15 -7.59 27.44 30.37
CA PRO B 15 -6.64 28.55 30.46
C PRO B 15 -6.28 29.03 29.05
N LEU B 16 -6.27 28.10 28.09
CA LEU B 16 -5.96 28.42 26.70
C LEU B 16 -7.02 29.36 26.12
N ILE B 17 -8.27 29.06 26.37
CA ILE B 17 -9.37 29.89 25.88
C ILE B 17 -9.26 31.31 26.44
N GLU B 18 -8.83 31.42 27.69
CA GLU B 18 -8.70 32.72 28.32
C GLU B 18 -7.53 33.49 27.72
N GLN B 19 -6.39 32.82 27.61
CA GLN B 19 -5.19 33.45 27.07
C GLN B 19 -5.36 33.93 25.62
N GLN B 20 -6.00 33.12 24.80
CA GLN B 20 -6.18 33.45 23.38
C GLN B 20 -7.47 34.21 23.10
N LYS B 21 -8.32 34.32 24.11
CA LYS B 21 -9.60 35.01 23.95
C LYS B 21 -10.47 34.35 22.87
N ILE B 22 -10.61 33.04 22.99
CA ILE B 22 -11.42 32.28 22.05
C ILE B 22 -12.90 32.38 22.43
N PRO B 23 -13.74 32.88 21.52
CA PRO B 23 -15.19 33.05 21.76
C PRO B 23 -15.92 31.72 22.07
N GLY B 24 -15.64 30.70 21.27
CA GLY B 24 -16.27 29.41 21.46
C GLY B 24 -15.32 28.30 21.07
N MET B 25 -15.51 27.13 21.68
CA MET B 25 -14.62 26.02 21.40
C MET B 25 -15.24 24.66 21.70
N ALA B 26 -14.82 23.67 20.94
CA ALA B 26 -15.29 22.30 21.09
C ALA B 26 -14.08 21.38 21.02
N VAL B 27 -13.98 20.46 21.97
CA VAL B 27 -12.87 19.53 22.00
C VAL B 27 -13.42 18.13 22.15
N ALA B 28 -12.72 17.17 21.56
CA ALA B 28 -13.10 15.78 21.64
C ALA B 28 -11.85 15.00 21.91
N VAL B 29 -11.89 14.13 22.90
CA VAL B 29 -10.74 13.31 23.21
C VAL B 29 -11.14 11.87 23.00
N ILE B 30 -10.44 11.16 22.12
CA ILE B 30 -10.74 9.77 21.87
C ILE B 30 -9.80 9.00 22.78
N TYR B 31 -10.38 8.28 23.74
CA TYR B 31 -9.61 7.52 24.70
C TYR B 31 -10.00 6.05 24.62
N GLN B 32 -9.03 5.19 24.32
CA GLN B 32 -9.27 3.76 24.19
C GLN B 32 -10.38 3.54 23.17
N GLY B 33 -10.42 4.41 22.16
CA GLY B 33 -11.41 4.28 21.11
C GLY B 33 -12.74 4.98 21.31
N LYS B 34 -13.05 5.36 22.55
CA LYS B 34 -14.32 6.03 22.84
C LYS B 34 -14.15 7.56 22.92
N PRO B 35 -15.13 8.32 22.40
CA PRO B 35 -15.06 9.78 22.44
C PRO B 35 -15.69 10.42 23.68
N TYR B 36 -15.14 11.57 24.07
CA TYR B 36 -15.61 12.36 25.20
C TYR B 36 -15.60 13.79 24.69
N TYR B 37 -16.69 14.52 24.95
CA TYR B 37 -16.82 15.88 24.46
C TYR B 37 -16.81 17.00 25.50
N PHE B 38 -16.31 18.16 25.08
CA PHE B 38 -16.24 19.35 25.93
C PHE B 38 -16.54 20.57 25.06
N THR B 39 -17.36 21.48 25.59
CA THR B 39 -17.72 22.69 24.85
C THR B 39 -17.59 23.93 25.74
N TRP B 40 -17.30 25.07 25.14
CA TRP B 40 -17.13 26.32 25.84
C TRP B 40 -17.62 27.49 24.98
N GLY B 41 -17.98 28.58 25.65
CA GLY B 41 -18.40 29.80 24.97
C GLY B 41 -19.55 29.80 23.97
N TYR B 42 -19.48 30.74 23.04
CA TYR B 42 -20.51 30.93 22.03
C TYR B 42 -20.10 30.62 20.60
N ALA B 43 -21.08 30.21 19.80
CA ALA B 43 -20.90 29.92 18.39
C ALA B 43 -21.20 31.23 17.67
N ASP B 44 -22.06 32.03 18.30
CA ASP B 44 -22.49 33.33 17.79
C ASP B 44 -22.56 34.29 18.98
N ILE B 45 -21.57 35.17 19.11
CA ILE B 45 -21.52 36.10 20.23
C ILE B 45 -22.84 36.88 20.41
N ALA B 46 -23.27 37.58 19.37
CA ALA B 46 -24.54 38.29 19.45
C ALA B 46 -25.56 37.17 19.40
N LYS B 47 -26.68 37.32 20.12
CA LYS B 47 -27.70 36.28 20.14
C LYS B 47 -27.25 35.17 21.09
N LYS B 48 -26.05 35.37 21.66
CA LYS B 48 -25.46 34.43 22.60
C LYS B 48 -25.88 32.99 22.38
N GLN B 49 -25.53 32.46 21.22
CA GLN B 49 -25.86 31.07 20.90
C GLN B 49 -24.67 30.22 21.37
N PRO B 50 -24.92 29.26 22.27
CA PRO B 50 -23.87 28.39 22.81
C PRO B 50 -23.30 27.40 21.81
N VAL B 51 -22.08 26.94 22.08
CA VAL B 51 -21.44 25.94 21.23
C VAL B 51 -21.99 24.60 21.72
N THR B 52 -22.39 23.74 20.80
CA THR B 52 -22.93 22.44 21.16
C THR B 52 -22.27 21.39 20.26
N GLN B 53 -22.65 20.14 20.44
CA GLN B 53 -22.11 19.05 19.63
C GLN B 53 -22.63 19.12 18.19
N GLN B 54 -23.57 20.03 17.95
CA GLN B 54 -24.14 20.20 16.63
C GLN B 54 -23.66 21.46 15.95
N THR B 55 -22.75 22.19 16.61
CA THR B 55 -22.22 23.42 16.02
C THR B 55 -21.24 23.08 14.91
N LEU B 56 -21.36 23.78 13.77
CA LEU B 56 -20.49 23.56 12.63
C LEU B 56 -19.34 24.57 12.63
N PHE B 57 -18.11 24.08 12.54
CA PHE B 57 -16.92 24.94 12.50
C PHE B 57 -16.26 24.78 11.13
N GLU B 58 -15.61 25.84 10.65
CA GLU B 58 -14.91 25.75 9.38
C GLU B 58 -13.61 25.03 9.75
N LEU B 59 -13.29 23.96 9.05
CA LEU B 59 -12.08 23.20 9.34
C LEU B 59 -10.79 23.76 8.75
N GLY B 60 -10.90 24.60 7.73
CA GLY B 60 -9.70 25.14 7.12
C GLY B 60 -8.94 24.03 6.40
N SER B 61 -7.62 24.04 6.50
CA SER B 61 -6.81 23.04 5.81
C SER B 61 -6.93 21.64 6.42
N VAL B 62 -7.69 21.48 7.50
CA VAL B 62 -7.87 20.13 8.04
C VAL B 62 -8.68 19.38 6.95
N SER B 63 -9.33 20.16 6.09
CA SER B 63 -10.11 19.62 4.98
C SER B 63 -9.20 18.79 4.06
N LYS B 64 -7.91 19.13 4.06
CA LYS B 64 -6.93 18.43 3.23
C LYS B 64 -6.81 16.96 3.60
N THR B 65 -7.15 16.60 4.85
CA THR B 65 -7.07 15.19 5.22
C THR B 65 -8.22 14.44 4.54
N PHE B 66 -9.34 15.13 4.33
CA PHE B 66 -10.49 14.54 3.66
C PHE B 66 -10.15 14.33 2.18
N THR B 67 -9.55 15.36 1.58
CA THR B 67 -9.14 15.29 0.18
C THR B 67 -8.15 14.15 -0.01
N GLY B 68 -7.24 14.01 0.95
CA GLY B 68 -6.24 12.95 0.86
C GLY B 68 -6.88 11.57 0.85
N VAL B 69 -7.85 11.37 1.75
CA VAL B 69 -8.55 10.09 1.86
C VAL B 69 -9.43 9.81 0.63
N LEU B 70 -10.06 10.84 0.09
CA LEU B 70 -10.90 10.67 -1.09
C LEU B 70 -9.97 10.23 -2.22
N GLY B 71 -8.81 10.88 -2.29
CA GLY B 71 -7.81 10.52 -3.29
C GLY B 71 -7.38 9.09 -3.10
N GLY B 72 -7.12 8.72 -1.85
CA GLY B 72 -6.70 7.36 -1.56
C GLY B 72 -7.77 6.36 -1.98
N ASP B 73 -9.03 6.75 -1.79
CA ASP B 73 -10.17 5.91 -2.13
C ASP B 73 -10.25 5.71 -3.64
N ALA B 74 -9.95 6.77 -4.39
CA ALA B 74 -9.99 6.68 -5.84
C ALA B 74 -8.87 5.75 -6.31
N ILE B 75 -7.77 5.73 -5.57
CA ILE B 75 -6.66 4.86 -5.93
C ILE B 75 -7.08 3.42 -5.68
N ALA B 76 -7.73 3.19 -4.54
CA ALA B 76 -8.18 1.85 -4.18
C ALA B 76 -9.22 1.32 -5.17
N ARG B 77 -9.98 2.24 -5.75
CA ARG B 77 -11.02 1.90 -6.73
C ARG B 77 -10.40 1.63 -8.09
N GLY B 78 -9.12 1.95 -8.23
CA GLY B 78 -8.43 1.74 -9.49
C GLY B 78 -8.74 2.83 -10.51
N GLU B 79 -9.30 3.94 -10.07
CA GLU B 79 -9.63 5.04 -10.98
C GLU B 79 -8.43 5.91 -11.35
N ILE B 80 -7.47 6.04 -10.42
CA ILE B 80 -6.27 6.84 -10.66
C ILE B 80 -5.04 6.18 -10.07
N LYS B 81 -3.86 6.66 -10.49
CA LYS B 81 -2.59 6.15 -9.98
C LYS B 81 -1.72 7.35 -9.66
N LEU B 82 -1.08 7.33 -8.49
CA LEU B 82 -0.22 8.44 -8.07
C LEU B 82 0.99 8.58 -8.99
N SER B 83 1.30 7.49 -9.70
CA SER B 83 2.42 7.45 -10.65
C SER B 83 2.09 8.16 -11.96
N ASP B 84 0.82 8.36 -12.23
CA ASP B 84 0.39 8.99 -13.48
C ASP B 84 0.67 10.48 -13.63
N PRO B 85 0.98 10.92 -14.85
CA PRO B 85 1.27 12.32 -15.17
C PRO B 85 0.00 13.11 -14.93
N THR B 86 0.14 14.37 -14.57
CA THR B 86 -1.00 15.23 -14.32
C THR B 86 -1.81 15.44 -15.58
N THR B 87 -1.12 15.48 -16.71
CA THR B 87 -1.75 15.70 -18.01
C THR B 87 -2.72 14.59 -18.46
N LYS B 88 -2.58 13.40 -17.89
CA LYS B 88 -3.45 12.29 -18.24
C LYS B 88 -4.90 12.59 -17.80
N TYR B 89 -5.05 13.36 -16.73
CA TYR B 89 -6.35 13.71 -16.20
C TYR B 89 -6.78 15.10 -16.63
N TRP B 90 -5.85 15.84 -17.24
CA TRP B 90 -6.14 17.18 -17.72
C TRP B 90 -5.40 17.38 -19.03
N PRO B 91 -5.86 16.70 -20.10
CA PRO B 91 -5.26 16.77 -21.44
C PRO B 91 -4.94 18.19 -21.89
N GLU B 92 -5.64 19.17 -21.31
CA GLU B 92 -5.45 20.58 -21.64
C GLU B 92 -4.14 21.18 -21.11
N LEU B 93 -3.56 20.56 -20.09
CA LEU B 93 -2.32 21.06 -19.50
C LEU B 93 -1.15 20.54 -20.36
N THR B 94 -0.89 21.24 -21.46
CA THR B 94 0.17 20.85 -22.40
C THR B 94 1.54 21.53 -22.24
N ALA B 95 1.60 22.60 -21.47
CA ALA B 95 2.86 23.31 -21.27
C ALA B 95 3.96 22.32 -20.89
N LYS B 96 5.15 22.51 -21.44
CA LYS B 96 6.29 21.62 -21.23
C LYS B 96 6.77 21.44 -19.79
N GLN B 97 6.57 22.43 -18.94
CA GLN B 97 7.04 22.31 -17.57
C GLN B 97 6.26 21.26 -16.78
N TRP B 98 5.13 20.81 -17.33
CA TRP B 98 4.33 19.83 -16.63
C TRP B 98 4.77 18.40 -16.90
N ASN B 99 5.71 18.23 -17.82
CA ASN B 99 6.19 16.89 -18.11
C ASN B 99 6.93 16.38 -16.87
N GLY B 100 6.57 15.20 -16.39
CA GLY B 100 7.23 14.67 -15.21
C GLY B 100 6.52 14.94 -13.89
N ILE B 101 5.55 15.86 -13.88
CA ILE B 101 4.83 16.16 -12.65
C ILE B 101 3.64 15.20 -12.51
N THR B 102 3.68 14.34 -11.49
CA THR B 102 2.62 13.36 -11.29
C THR B 102 1.61 13.76 -10.20
N LEU B 103 0.56 12.96 -10.08
CA LEU B 103 -0.48 13.19 -9.09
C LEU B 103 0.16 13.13 -7.69
N LEU B 104 1.15 12.27 -7.53
CA LEU B 104 1.84 12.16 -6.25
C LEU B 104 2.41 13.52 -5.84
N HIS B 105 3.09 14.16 -6.78
CA HIS B 105 3.69 15.49 -6.54
C HIS B 105 2.63 16.50 -6.11
N LEU B 106 1.50 16.51 -6.83
CA LEU B 106 0.43 17.45 -6.52
C LEU B 106 -0.15 17.22 -5.12
N ALA B 107 -0.33 15.95 -4.77
CA ALA B 107 -0.91 15.57 -3.49
C ALA B 107 -0.01 15.84 -2.28
N THR B 108 1.30 15.78 -2.49
CA THR B 108 2.25 15.98 -1.41
C THR B 108 3.06 17.30 -1.44
N TYR B 109 2.58 18.27 -2.21
CA TYR B 109 3.24 19.59 -2.31
C TYR B 109 4.67 19.53 -2.83
N THR B 110 5.00 18.48 -3.61
CA THR B 110 6.35 18.30 -4.12
C THR B 110 6.48 18.51 -5.63
N ALA B 111 5.57 19.30 -6.19
CA ALA B 111 5.57 19.53 -7.63
C ALA B 111 6.71 20.44 -8.10
N GLY B 112 7.17 21.34 -7.23
CA GLY B 112 8.25 22.22 -7.62
C GLY B 112 7.96 23.68 -7.36
N GLY B 113 7.19 23.97 -6.32
CA GLY B 113 6.89 25.35 -6.00
C GLY B 113 5.54 25.91 -6.36
N LEU B 114 4.52 25.07 -6.52
CA LEU B 114 3.18 25.59 -6.81
C LEU B 114 2.89 26.50 -5.63
N PRO B 115 2.30 27.67 -5.89
CA PRO B 115 1.95 28.67 -4.87
C PRO B 115 1.02 28.26 -3.75
N LEU B 116 1.27 28.82 -2.56
CA LEU B 116 0.47 28.55 -1.37
C LEU B 116 -1.00 28.85 -1.65
N GLN B 117 -1.26 29.97 -2.30
CA GLN B 117 -2.63 30.36 -2.60
C GLN B 117 -2.89 30.46 -4.09
N VAL B 118 -4.13 30.18 -4.47
CA VAL B 118 -4.53 30.32 -5.86
C VAL B 118 -5.00 31.76 -5.92
N PRO B 119 -4.39 32.58 -6.78
CA PRO B 119 -4.77 33.99 -6.91
C PRO B 119 -6.29 34.22 -6.85
N ASP B 120 -6.69 35.24 -6.10
CA ASP B 120 -8.10 35.59 -5.93
C ASP B 120 -8.77 35.93 -7.25
N GLU B 121 -7.98 36.42 -8.20
CA GLU B 121 -8.50 36.80 -9.51
C GLU B 121 -8.94 35.58 -10.29
N VAL B 122 -8.29 34.44 -10.04
CA VAL B 122 -8.60 33.18 -10.71
C VAL B 122 -9.95 32.63 -10.27
N LYS B 123 -10.91 32.58 -11.19
CA LYS B 123 -12.25 32.09 -10.88
C LYS B 123 -12.74 30.98 -11.82
N SER B 124 -12.90 31.33 -13.09
CA SER B 124 -13.37 30.40 -14.11
C SER B 124 -12.45 29.22 -14.36
N SER B 125 -12.96 28.23 -15.07
CA SER B 125 -12.18 27.05 -15.42
C SER B 125 -11.12 27.56 -16.38
N SER B 126 -11.46 28.60 -17.12
CA SER B 126 -10.56 29.23 -18.09
C SER B 126 -9.40 29.87 -17.33
N ASP B 127 -9.74 30.65 -16.31
CA ASP B 127 -8.72 31.33 -15.51
C ASP B 127 -7.78 30.29 -14.91
N LEU B 128 -8.36 29.21 -14.39
CA LEU B 128 -7.58 28.16 -13.76
C LEU B 128 -6.60 27.50 -14.73
N LEU B 129 -7.05 27.22 -15.95
CA LEU B 129 -6.18 26.60 -16.94
C LEU B 129 -4.97 27.44 -17.32
N ARG B 130 -5.18 28.71 -17.65
CA ARG B 130 -4.05 29.54 -18.04
C ARG B 130 -3.14 29.79 -16.85
N PHE B 131 -3.72 29.79 -15.65
CA PHE B 131 -2.95 29.98 -14.42
C PHE B 131 -1.91 28.87 -14.29
N TYR B 132 -2.35 27.62 -14.47
CA TYR B 132 -1.46 26.47 -14.38
C TYR B 132 -0.55 26.33 -15.63
N GLN B 133 -1.07 26.71 -16.79
CA GLN B 133 -0.27 26.64 -18.01
C GLN B 133 0.88 27.66 -17.93
N ASN B 134 0.62 28.75 -17.21
CA ASN B 134 1.60 29.83 -17.05
C ASN B 134 2.51 29.69 -15.83
N TRP B 135 2.25 28.73 -14.96
CA TRP B 135 3.08 28.56 -13.78
C TRP B 135 4.49 28.08 -14.16
N GLN B 136 5.49 28.64 -13.51
CA GLN B 136 6.86 28.27 -13.78
C GLN B 136 7.48 27.77 -12.47
N PRO B 137 8.02 26.55 -12.46
CA PRO B 137 8.63 25.90 -11.29
C PRO B 137 9.83 26.63 -10.67
N ALA B 138 9.95 26.52 -9.35
CA ALA B 138 11.06 27.12 -8.63
C ALA B 138 12.13 26.05 -8.47
N TRP B 139 11.70 24.79 -8.55
CA TRP B 139 12.58 23.64 -8.40
C TRP B 139 12.11 22.50 -9.29
N ALA B 140 12.93 21.46 -9.41
CA ALA B 140 12.56 20.29 -10.21
C ALA B 140 11.55 19.48 -9.38
N PRO B 141 10.69 18.71 -10.05
CA PRO B 141 9.70 17.91 -9.31
C PRO B 141 10.32 16.86 -8.40
N GLY B 142 9.70 16.67 -7.23
CA GLY B 142 10.19 15.67 -6.29
C GLY B 142 11.46 16.04 -5.54
N THR B 143 11.74 17.33 -5.39
CA THR B 143 12.95 17.72 -4.65
C THR B 143 12.69 18.60 -3.41
N GLN B 144 11.66 19.45 -3.48
CA GLN B 144 11.33 20.35 -2.39
C GLN B 144 9.84 20.31 -2.05
N ARG B 145 9.53 20.43 -0.76
CA ARG B 145 8.15 20.43 -0.29
C ARG B 145 7.74 21.84 0.05
N LEU B 146 6.71 22.34 -0.63
CA LEU B 146 6.19 23.68 -0.37
C LEU B 146 4.69 23.60 -0.18
N TYR B 147 4.27 23.56 1.08
CA TYR B 147 2.86 23.49 1.44
C TYR B 147 2.05 24.44 0.57
N ALA B 148 1.01 23.93 -0.08
CA ALA B 148 0.23 24.78 -0.96
C ALA B 148 -1.17 24.31 -1.36
N ASN B 149 -2.12 25.25 -1.35
CA ASN B 149 -3.49 24.96 -1.76
C ASN B 149 -3.51 24.64 -3.25
N SER B 150 -2.58 25.24 -4.00
CA SER B 150 -2.47 25.05 -5.45
C SER B 150 -2.17 23.62 -5.84
N SER B 151 -1.40 22.90 -5.03
CA SER B 151 -1.06 21.53 -5.35
C SER B 151 -2.15 20.55 -4.96
N ILE B 152 -2.35 20.36 -3.66
CA ILE B 152 -3.36 19.42 -3.19
C ILE B 152 -4.75 19.78 -3.71
N GLY B 153 -4.98 21.07 -3.96
CA GLY B 153 -6.26 21.49 -4.48
C GLY B 153 -6.49 20.91 -5.88
N LEU B 154 -5.45 20.95 -6.72
CA LEU B 154 -5.56 20.41 -8.07
C LEU B 154 -5.63 18.89 -8.00
N PHE B 155 -4.89 18.29 -7.07
CA PHE B 155 -4.91 16.84 -6.91
C PHE B 155 -6.36 16.39 -6.69
N GLY B 156 -7.05 17.06 -5.76
CA GLY B 156 -8.42 16.70 -5.46
C GLY B 156 -9.35 16.79 -6.66
N ALA B 157 -9.24 17.88 -7.42
CA ALA B 157 -10.10 18.08 -8.58
C ALA B 157 -9.87 17.00 -9.64
N LEU B 158 -8.62 16.64 -9.87
CA LEU B 158 -8.30 15.63 -10.86
C LEU B 158 -8.58 14.20 -10.40
N ALA B 159 -8.41 13.95 -9.10
CA ALA B 159 -8.63 12.63 -8.54
C ALA B 159 -10.05 12.10 -8.75
N VAL B 160 -11.03 12.99 -8.77
CA VAL B 160 -12.42 12.59 -8.95
C VAL B 160 -12.85 12.57 -10.42
N LYS B 161 -11.98 13.05 -11.30
CA LYS B 161 -12.25 13.11 -12.73
C LYS B 161 -12.81 11.79 -13.31
N PRO B 162 -12.10 10.68 -13.09
CA PRO B 162 -12.55 9.38 -13.60
C PRO B 162 -13.99 8.99 -13.20
N SER B 163 -14.39 9.38 -12.00
CA SER B 163 -15.72 9.07 -11.48
C SER B 163 -16.83 9.83 -12.19
N GLY B 164 -16.50 10.97 -12.78
CA GLY B 164 -17.50 11.76 -13.45
C GLY B 164 -18.30 12.58 -12.45
N LEU B 165 -18.07 12.31 -11.17
CA LEU B 165 -18.76 13.01 -10.10
C LEU B 165 -18.12 14.36 -9.81
N SER B 166 -18.86 15.24 -9.17
CA SER B 166 -18.31 16.55 -8.78
C SER B 166 -17.48 16.24 -7.56
N PHE B 167 -16.65 17.19 -7.13
CA PHE B 167 -15.84 16.95 -5.95
C PHE B 167 -16.74 16.75 -4.73
N GLU B 168 -17.71 17.65 -4.57
CA GLU B 168 -18.64 17.55 -3.44
C GLU B 168 -19.43 16.25 -3.43
N GLN B 169 -19.93 15.84 -4.60
CA GLN B 169 -20.71 14.60 -4.69
C GLN B 169 -19.83 13.40 -4.39
N ALA B 170 -18.60 13.40 -4.89
CA ALA B 170 -17.68 12.30 -4.65
C ALA B 170 -17.37 12.18 -3.15
N MET B 171 -17.08 13.31 -2.52
CA MET B 171 -16.76 13.35 -1.10
C MET B 171 -17.97 12.88 -0.26
N GLN B 172 -19.15 13.43 -0.56
CA GLN B 172 -20.36 13.09 0.17
C GLN B 172 -20.68 11.60 0.12
N THR B 173 -20.71 11.04 -1.07
CA THR B 173 -21.05 9.63 -1.26
C THR B 173 -19.94 8.63 -0.93
N ARG B 174 -18.68 9.02 -1.08
CA ARG B 174 -17.60 8.09 -0.82
C ARG B 174 -16.92 8.22 0.53
N VAL B 175 -17.12 9.36 1.19
CA VAL B 175 -16.47 9.57 2.48
C VAL B 175 -17.42 9.91 3.63
N PHE B 176 -18.08 11.06 3.55
CA PHE B 176 -19.00 11.49 4.59
C PHE B 176 -20.05 10.44 4.93
N GLN B 177 -20.85 10.06 3.94
CA GLN B 177 -21.92 9.08 4.14
C GLN B 177 -21.50 7.72 4.67
N PRO B 178 -20.48 7.09 4.07
CA PRO B 178 -20.11 5.78 4.61
C PRO B 178 -19.63 5.82 6.07
N LEU B 179 -19.14 6.98 6.51
CA LEU B 179 -18.64 7.10 7.88
C LEU B 179 -19.67 7.71 8.80
N LYS B 180 -20.85 7.99 8.28
CA LYS B 180 -21.93 8.55 9.08
C LYS B 180 -21.64 9.97 9.55
N LEU B 181 -20.94 10.75 8.74
CA LEU B 181 -20.66 12.13 9.10
C LEU B 181 -21.86 12.88 8.53
N ASN B 182 -22.98 12.80 9.23
CA ASN B 182 -24.22 13.41 8.77
C ASN B 182 -24.37 14.91 9.02
N HIS B 183 -23.34 15.55 9.57
CA HIS B 183 -23.39 16.98 9.81
C HIS B 183 -22.10 17.65 9.35
N THR B 184 -21.54 17.10 8.27
CA THR B 184 -20.32 17.59 7.66
C THR B 184 -20.69 18.03 6.24
N TRP B 185 -20.42 19.29 5.91
CA TRP B 185 -20.75 19.82 4.60
C TRP B 185 -19.67 20.67 3.95
N ILE B 186 -19.63 20.65 2.62
CA ILE B 186 -18.70 21.46 1.84
C ILE B 186 -19.48 22.75 1.62
N ASN B 187 -20.77 22.58 1.32
CA ASN B 187 -21.69 23.71 1.15
C ASN B 187 -22.79 23.52 2.18
N VAL B 188 -22.83 24.40 3.18
CA VAL B 188 -23.82 24.30 4.25
C VAL B 188 -25.24 24.61 3.77
N PRO B 189 -26.13 23.60 3.84
CA PRO B 189 -27.52 23.74 3.41
C PRO B 189 -28.33 24.61 4.38
N PRO B 190 -29.43 25.21 3.88
CA PRO B 190 -30.30 26.08 4.68
C PRO B 190 -30.69 25.53 6.07
N ALA B 191 -31.05 24.26 6.12
CA ALA B 191 -31.47 23.62 7.36
C ALA B 191 -30.38 23.54 8.43
N GLU B 192 -29.13 23.78 8.05
CA GLU B 192 -28.01 23.71 8.99
C GLU B 192 -27.36 25.06 9.25
N GLU B 193 -27.89 26.11 8.64
CA GLU B 193 -27.32 27.45 8.82
C GLU B 193 -27.41 27.95 10.26
N LYS B 194 -28.47 27.53 10.96
CA LYS B 194 -28.67 27.96 12.35
C LYS B 194 -27.60 27.35 13.27
N ASN B 195 -26.89 26.34 12.78
CA ASN B 195 -25.86 25.67 13.55
C ASN B 195 -24.48 26.07 13.06
N TYR B 196 -24.44 26.82 11.96
CA TYR B 196 -23.19 27.29 11.37
C TYR B 196 -22.67 28.44 12.22
N ALA B 197 -21.59 28.20 12.96
CA ALA B 197 -21.00 29.20 13.83
C ALA B 197 -20.27 30.28 13.05
N TRP B 198 -20.22 31.49 13.62
CA TRP B 198 -19.52 32.59 12.99
C TRP B 198 -18.07 32.55 13.45
N GLY B 199 -17.17 32.96 12.57
CA GLY B 199 -15.76 33.00 12.94
C GLY B 199 -15.50 34.42 13.38
N TYR B 200 -14.47 34.64 14.19
CA TYR B 200 -14.19 35.99 14.63
C TYR B 200 -12.77 36.44 14.37
N ARG B 201 -12.66 37.60 13.75
CA ARG B 201 -11.38 38.19 13.40
C ARG B 201 -11.51 39.67 13.72
N GLU B 202 -10.75 40.14 14.70
CA GLU B 202 -10.81 41.54 15.11
C GLU B 202 -12.23 41.86 15.55
N GLY B 203 -12.84 40.92 16.28
CA GLY B 203 -14.18 41.11 16.79
C GLY B 203 -15.32 40.93 15.80
N LYS B 204 -15.07 41.17 14.51
CA LYS B 204 -16.10 41.03 13.50
C LYS B 204 -16.38 39.57 13.14
N ALA B 205 -17.66 39.25 12.95
CA ALA B 205 -18.08 37.90 12.60
C ALA B 205 -17.81 37.65 11.11
N VAL B 206 -17.10 36.57 10.80
CA VAL B 206 -16.79 36.26 9.41
C VAL B 206 -16.84 34.78 9.04
N HIS B 207 -17.11 34.53 7.77
CA HIS B 207 -17.17 33.18 7.23
C HIS B 207 -16.18 33.14 6.09
N VAL B 208 -15.63 31.96 5.80
CA VAL B 208 -14.66 31.82 4.74
C VAL B 208 -15.27 32.23 3.39
N SER B 209 -14.49 32.94 2.57
CA SER B 209 -14.95 33.40 1.26
C SER B 209 -14.71 32.37 0.17
N PRO B 210 -15.57 32.38 -0.87
CA PRO B 210 -15.44 31.45 -1.99
C PRO B 210 -14.11 31.67 -2.73
N GLY B 211 -13.59 30.61 -3.34
CA GLY B 211 -12.34 30.74 -4.07
C GLY B 211 -12.06 29.51 -4.89
N ALA B 212 -11.29 29.64 -5.96
CA ALA B 212 -10.99 28.50 -6.81
C ALA B 212 -10.37 27.37 -6.00
N LEU B 213 -10.89 26.16 -6.20
CA LEU B 213 -10.40 24.98 -5.48
C LEU B 213 -10.57 25.05 -3.98
N ASP B 214 -11.51 25.88 -3.51
CA ASP B 214 -11.71 25.99 -2.06
C ASP B 214 -12.20 24.67 -1.45
N ALA B 215 -13.16 24.03 -2.10
CA ALA B 215 -13.70 22.76 -1.61
C ALA B 215 -12.61 21.74 -1.34
N GLU B 216 -11.69 21.63 -2.30
CA GLU B 216 -10.59 20.68 -2.22
C GLU B 216 -9.49 21.06 -1.25
N ALA B 217 -9.34 22.34 -0.95
CA ALA B 217 -8.23 22.75 -0.08
C ALA B 217 -8.56 23.20 1.34
N TYR B 218 -9.72 23.82 1.54
CA TYR B 218 -10.06 24.33 2.86
C TYR B 218 -11.55 24.60 3.04
N GLY B 219 -12.39 23.92 2.26
CA GLY B 219 -13.83 24.19 2.34
C GLY B 219 -14.75 23.33 3.20
N VAL B 220 -14.21 22.40 3.98
CA VAL B 220 -15.06 21.56 4.80
C VAL B 220 -15.50 22.21 6.11
N LYS B 221 -16.76 22.00 6.48
CA LYS B 221 -17.35 22.49 7.72
C LYS B 221 -17.90 21.27 8.46
N SER B 222 -17.60 21.16 9.76
CA SER B 222 -18.07 20.02 10.55
C SER B 222 -18.34 20.32 12.03
N THR B 223 -18.93 19.32 12.69
CA THR B 223 -19.27 19.39 14.10
C THR B 223 -18.22 18.60 14.85
N ILE B 224 -18.20 18.77 16.18
CA ILE B 224 -17.24 18.07 17.01
C ILE B 224 -17.47 16.56 17.05
N GLU B 225 -18.73 16.13 16.96
CA GLU B 225 -18.99 14.70 17.01
C GLU B 225 -18.63 14.06 15.67
N ASP B 226 -18.84 14.76 14.57
CA ASP B 226 -18.48 14.22 13.26
C ASP B 226 -16.96 14.09 13.19
N MET B 227 -16.26 15.08 13.71
CA MET B 227 -14.80 15.06 13.67
C MET B 227 -14.22 13.97 14.57
N ALA B 228 -14.88 13.70 15.69
CA ALA B 228 -14.41 12.66 16.59
C ALA B 228 -14.56 11.36 15.83
N ARG B 229 -15.63 11.26 15.07
CA ARG B 229 -15.94 10.10 14.25
C ARG B 229 -14.84 9.96 13.18
N TRP B 230 -14.48 11.10 12.58
CA TRP B 230 -13.43 11.14 11.56
C TRP B 230 -12.12 10.61 12.17
N VAL B 231 -11.81 11.02 13.40
CA VAL B 231 -10.59 10.57 14.07
C VAL B 231 -10.64 9.07 14.33
N GLN B 232 -11.79 8.59 14.79
CA GLN B 232 -11.96 7.18 15.07
C GLN B 232 -11.72 6.35 13.83
N SER B 233 -12.25 6.82 12.70
CA SER B 233 -12.09 6.12 11.42
C SER B 233 -10.62 6.04 11.01
N ASN B 234 -9.90 7.14 11.18
CA ASN B 234 -8.48 7.17 10.82
C ASN B 234 -7.63 6.43 11.85
N LEU B 235 -8.11 6.35 13.09
CA LEU B 235 -7.41 5.64 14.15
C LEU B 235 -7.33 4.14 13.84
N LYS B 236 -8.43 3.57 13.36
CA LYS B 236 -8.44 2.16 13.00
C LYS B 236 -9.39 1.92 11.85
N PRO B 237 -8.86 1.99 10.62
CA PRO B 237 -9.61 1.79 9.38
C PRO B 237 -10.09 0.36 9.17
N LEU B 238 -9.51 -0.57 9.92
CA LEU B 238 -9.89 -1.98 9.77
C LEU B 238 -11.32 -2.22 10.23
N ASP B 239 -11.95 -1.20 10.82
CA ASP B 239 -13.32 -1.33 11.28
C ASP B 239 -14.31 -0.78 10.27
N ILE B 240 -13.78 -0.24 9.17
CA ILE B 240 -14.62 0.33 8.12
C ILE B 240 -15.01 -0.75 7.13
N ASN B 241 -16.31 -0.88 6.90
CA ASN B 241 -16.86 -1.89 5.99
C ASN B 241 -16.53 -1.68 4.52
N GLU B 242 -16.59 -0.43 4.07
CA GLU B 242 -16.27 -0.13 2.67
C GLU B 242 -14.78 -0.38 2.40
N LYS B 243 -14.50 -1.42 1.61
CA LYS B 243 -13.14 -1.81 1.28
C LYS B 243 -12.24 -0.71 0.75
N THR B 244 -12.68 0.00 -0.29
CA THR B 244 -11.87 1.07 -0.86
C THR B 244 -11.63 2.25 0.08
N LEU B 245 -12.58 2.51 0.99
CA LEU B 245 -12.40 3.62 1.92
C LEU B 245 -11.40 3.19 2.99
N GLN B 246 -11.46 1.93 3.39
CA GLN B 246 -10.56 1.37 4.39
C GLN B 246 -9.13 1.51 3.87
N GLN B 247 -8.94 1.14 2.59
CA GLN B 247 -7.63 1.21 1.95
C GLN B 247 -7.22 2.66 1.68
N GLY B 248 -8.20 3.50 1.34
CA GLY B 248 -7.93 4.90 1.07
C GLY B 248 -7.40 5.63 2.29
N ILE B 249 -7.89 5.25 3.46
CA ILE B 249 -7.45 5.86 4.70
C ILE B 249 -6.03 5.41 5.00
N GLN B 250 -5.77 4.12 4.77
CA GLN B 250 -4.44 3.58 4.99
C GLN B 250 -3.43 4.17 4.01
N LEU B 251 -3.88 4.51 2.81
CA LEU B 251 -3.00 5.09 1.81
C LEU B 251 -2.65 6.54 2.19
N ALA B 252 -3.61 7.24 2.77
CA ALA B 252 -3.41 8.63 3.17
C ALA B 252 -2.43 8.76 4.33
N GLN B 253 -2.19 7.66 5.05
CA GLN B 253 -1.25 7.69 6.16
C GLN B 253 0.09 7.06 5.84
N SER B 254 0.26 6.67 4.57
CA SER B 254 1.54 6.09 4.16
C SER B 254 2.59 7.23 4.11
N ARG B 255 3.85 6.89 4.30
CA ARG B 255 4.93 7.88 4.27
C ARG B 255 5.61 7.94 2.90
N TYR B 256 5.32 9.00 2.14
CA TYR B 256 5.86 9.17 0.79
C TYR B 256 7.15 9.97 0.74
N TRP B 257 7.18 10.70 1.80
CA TRP B 257 8.33 11.56 1.85
C TRP B 257 8.77 11.99 3.26
N GLN B 258 10.15 12.31 3.27
CA GLN B 258 10.63 12.66 4.59
C GLN B 258 11.44 13.96 4.58
N THR B 259 11.20 14.79 5.58
CA THR B 259 11.90 16.05 5.74
C THR B 259 12.09 16.24 7.24
N GLY B 260 13.32 16.09 7.70
CA GLY B 260 13.57 16.22 9.13
C GLY B 260 12.99 15.01 9.85
N ASP B 261 12.19 15.25 10.88
CA ASP B 261 11.57 14.15 11.62
C ASP B 261 10.09 13.95 11.22
N MET B 262 9.64 14.63 10.18
CA MET B 262 8.26 14.49 9.73
C MET B 262 8.16 13.78 8.38
N TYR B 263 7.02 13.12 8.16
CA TYR B 263 6.78 12.41 6.91
C TYR B 263 5.50 12.97 6.32
N GLN B 264 5.48 13.10 5.01
CA GLN B 264 4.30 13.62 4.32
C GLN B 264 3.44 12.47 3.79
N GLY B 265 2.15 12.51 4.12
CA GLY B 265 1.23 11.49 3.63
C GLY B 265 0.33 12.23 2.67
N LEU B 266 -0.90 11.74 2.49
CA LEU B 266 -1.85 12.41 1.62
C LEU B 266 -2.75 13.21 2.57
N GLY B 267 -2.46 14.51 2.69
CA GLY B 267 -3.23 15.35 3.59
C GLY B 267 -2.66 15.27 5.01
N TRP B 268 -2.56 14.06 5.54
CA TRP B 268 -2.03 13.86 6.87
C TRP B 268 -0.51 14.01 6.88
N GLU B 269 0.04 14.41 8.03
CA GLU B 269 1.48 14.54 8.22
C GLU B 269 1.75 13.64 9.42
N MET B 270 2.87 12.94 9.41
CA MET B 270 3.18 12.03 10.49
C MET B 270 4.59 12.13 11.06
N LEU B 271 4.73 11.67 12.29
CA LEU B 271 6.02 11.62 12.97
C LEU B 271 6.04 10.33 13.76
N ASP B 272 7.22 9.77 13.96
CA ASP B 272 7.35 8.54 14.74
C ASP B 272 7.02 8.83 16.21
N TRP B 273 6.38 7.88 16.87
CA TRP B 273 6.03 8.02 18.28
C TRP B 273 6.92 7.07 19.08
N PRO B 274 7.45 7.54 20.23
CA PRO B 274 7.29 8.87 20.84
C PRO B 274 7.93 9.98 20.04
N VAL B 275 7.34 11.16 20.12
CA VAL B 275 7.82 12.32 19.39
C VAL B 275 8.35 13.39 20.36
N ASN B 276 9.23 14.26 19.87
CA ASN B 276 9.75 15.34 20.71
C ASN B 276 8.71 16.45 20.62
N PRO B 277 8.09 16.80 21.76
CA PRO B 277 7.08 17.86 21.73
C PRO B 277 7.55 19.17 21.09
N ASP B 278 8.79 19.56 21.38
CA ASP B 278 9.33 20.79 20.82
C ASP B 278 9.33 20.76 19.31
N SER B 279 9.55 19.58 18.73
CA SER B 279 9.57 19.44 17.28
C SER B 279 8.22 19.77 16.67
N ILE B 280 7.16 19.11 17.13
CA ILE B 280 5.84 19.37 16.57
C ILE B 280 5.28 20.73 16.99
N ILE B 281 5.63 21.20 18.18
CA ILE B 281 5.12 22.50 18.62
C ILE B 281 5.74 23.64 17.81
N ASN B 282 7.07 23.71 17.78
CA ASN B 282 7.76 24.75 17.02
C ASN B 282 7.59 24.52 15.52
N GLY B 283 7.52 23.25 15.13
CA GLY B 283 7.36 22.92 13.72
C GLY B 283 6.03 23.40 13.16
N SER B 284 5.06 23.61 14.05
CA SER B 284 3.73 24.08 13.65
C SER B 284 3.70 25.54 13.28
N ASP B 285 4.67 26.29 13.79
CA ASP B 285 4.72 27.73 13.50
C ASP B 285 4.76 27.89 11.99
N ASN B 286 3.94 28.78 11.45
CA ASN B 286 3.90 28.99 10.01
C ASN B 286 5.22 29.44 9.40
N LYS B 287 6.08 30.03 10.21
CA LYS B 287 7.39 30.46 9.73
C LYS B 287 8.15 29.22 9.25
N ILE B 288 7.76 28.07 9.78
CA ILE B 288 8.38 26.80 9.41
C ILE B 288 7.47 25.99 8.48
N ALA B 289 6.25 25.74 8.93
CA ALA B 289 5.28 24.95 8.17
C ALA B 289 5.00 25.44 6.75
N LEU B 290 5.17 26.74 6.50
CA LEU B 290 4.91 27.28 5.16
C LEU B 290 6.19 27.47 4.33
N ALA B 291 7.34 27.11 4.91
CA ALA B 291 8.61 27.26 4.22
C ALA B 291 8.99 26.02 3.42
N ALA B 292 9.71 26.22 2.31
CA ALA B 292 10.15 25.09 1.50
C ALA B 292 11.25 24.34 2.23
N ARG B 293 11.22 23.02 2.13
CA ARG B 293 12.21 22.17 2.78
C ARG B 293 12.55 21.03 1.81
N PRO B 294 13.82 20.60 1.78
CA PRO B 294 14.17 19.51 0.86
C PRO B 294 13.57 18.20 1.36
N VAL B 295 13.13 17.34 0.45
CA VAL B 295 12.54 16.07 0.86
C VAL B 295 13.30 14.86 0.36
N LYS B 296 13.31 13.82 1.19
CA LYS B 296 13.96 12.58 0.81
C LYS B 296 12.83 11.61 0.44
N ALA B 297 12.90 11.08 -0.77
CA ALA B 297 11.89 10.14 -1.24
C ALA B 297 11.97 8.84 -0.45
N ILE B 298 10.82 8.29 -0.11
CA ILE B 298 10.79 7.01 0.60
C ILE B 298 10.37 6.03 -0.49
N THR B 299 11.36 5.34 -1.04
CA THR B 299 11.16 4.40 -2.15
C THR B 299 11.27 2.93 -1.77
N PRO B 300 10.12 2.23 -1.68
CA PRO B 300 8.77 2.75 -1.92
C PRO B 300 8.17 3.30 -0.63
N PRO B 301 6.96 3.87 -0.71
CA PRO B 301 6.33 4.44 0.48
C PRO B 301 6.18 3.43 1.62
N THR B 302 6.30 3.91 2.85
CA THR B 302 6.15 3.03 4.00
C THR B 302 4.67 3.00 4.36
N PRO B 303 4.07 1.81 4.43
CA PRO B 303 2.65 1.70 4.76
C PRO B 303 2.42 2.31 6.15
N ALA B 304 1.23 2.88 6.36
CA ALA B 304 0.88 3.51 7.63
C ALA B 304 1.49 2.83 8.85
N VAL B 305 2.27 3.60 9.60
CA VAL B 305 2.93 3.12 10.79
C VAL B 305 2.02 3.36 12.01
N ARG B 306 1.79 2.30 12.78
CA ARG B 306 0.95 2.35 13.96
C ARG B 306 1.52 3.27 15.03
N ALA B 307 2.82 3.14 15.29
CA ALA B 307 3.48 3.97 16.29
C ALA B 307 3.80 5.33 15.69
N SER B 308 2.76 6.11 15.40
CA SER B 308 2.92 7.43 14.82
C SER B 308 2.05 8.47 15.48
N TRP B 309 2.51 9.70 15.38
CA TRP B 309 1.75 10.85 15.86
C TRP B 309 1.26 11.37 14.51
N VAL B 310 -0.03 11.27 14.25
CA VAL B 310 -0.60 11.72 12.98
C VAL B 310 -1.36 13.01 13.26
N HIS B 311 -1.17 14.04 12.42
CA HIS B 311 -1.85 15.30 12.70
C HIS B 311 -1.99 16.25 11.52
N LYS B 312 -2.71 17.33 11.77
CA LYS B 312 -2.94 18.36 10.77
C LYS B 312 -3.55 19.63 11.41
N THR B 313 -2.94 20.78 11.13
CA THR B 313 -3.44 22.05 11.62
C THR B 313 -4.29 22.64 10.50
N GLY B 314 -5.25 23.48 10.87
CA GLY B 314 -6.11 24.09 9.88
C GLY B 314 -6.67 25.39 10.40
N ALA B 315 -6.91 26.35 9.50
CA ALA B 315 -7.44 27.64 9.91
C ALA B 315 -8.04 28.42 8.75
N THR B 316 -8.94 29.33 9.10
CA THR B 316 -9.53 30.24 8.13
C THR B 316 -9.40 31.59 8.81
N GLY B 317 -9.96 32.64 8.22
CA GLY B 317 -9.85 33.95 8.82
C GLY B 317 -10.47 34.01 10.21
N GLY B 318 -11.55 33.27 10.42
CA GLY B 318 -12.21 33.30 11.71
C GLY B 318 -12.13 32.01 12.53
N PHE B 319 -11.47 30.99 12.00
CA PHE B 319 -11.39 29.72 12.73
C PHE B 319 -9.99 29.15 12.89
N GLY B 320 -9.83 28.28 13.87
CA GLY B 320 -8.55 27.63 14.12
C GLY B 320 -8.85 26.21 14.54
N SER B 321 -8.23 25.24 13.88
CA SER B 321 -8.48 23.84 14.18
C SER B 321 -7.23 23.01 14.33
N TYR B 322 -7.39 21.83 14.91
CA TYR B 322 -6.29 20.90 15.08
C TYR B 322 -6.80 19.50 15.36
N VAL B 323 -6.19 18.53 14.70
CA VAL B 323 -6.53 17.13 14.88
C VAL B 323 -5.24 16.35 14.99
N ALA B 324 -5.18 15.39 15.92
CA ALA B 324 -4.00 14.57 16.13
C ALA B 324 -4.37 13.24 16.78
N PHE B 325 -3.69 12.17 16.43
CA PHE B 325 -3.99 10.87 16.99
C PHE B 325 -2.82 9.91 16.90
N ILE B 326 -2.81 8.92 17.79
CA ILE B 326 -1.77 7.90 17.85
C ILE B 326 -2.43 6.53 17.74
N PRO B 327 -2.47 5.95 16.52
CA PRO B 327 -3.08 4.65 16.22
C PRO B 327 -2.76 3.55 17.23
N GLU B 328 -1.47 3.37 17.50
CA GLU B 328 -0.99 2.35 18.43
C GLU B 328 -1.62 2.45 19.82
N LYS B 329 -2.06 3.64 20.20
CA LYS B 329 -2.66 3.83 21.51
C LYS B 329 -4.16 4.14 21.47
N GLU B 330 -4.76 4.03 20.30
CA GLU B 330 -6.19 4.30 20.13
C GLU B 330 -6.52 5.61 20.85
N LEU B 331 -5.63 6.57 20.71
CA LEU B 331 -5.76 7.87 21.36
C LEU B 331 -5.79 9.02 20.34
N GLY B 332 -6.68 9.98 20.56
CA GLY B 332 -6.76 11.10 19.64
C GLY B 332 -7.44 12.32 20.22
N ILE B 333 -7.37 13.43 19.51
CA ILE B 333 -7.99 14.65 19.98
C ILE B 333 -8.36 15.59 18.83
N VAL B 334 -9.47 16.32 19.01
CA VAL B 334 -9.93 17.29 18.02
C VAL B 334 -10.19 18.59 18.74
N MET B 335 -9.69 19.69 18.19
CA MET B 335 -9.88 21.01 18.79
C MET B 335 -10.40 22.00 17.74
N LEU B 336 -11.62 22.49 17.94
CA LEU B 336 -12.23 23.45 17.01
C LEU B 336 -12.57 24.75 17.74
N ALA B 337 -12.13 25.86 17.18
CA ALA B 337 -12.39 27.17 17.77
C ALA B 337 -12.82 28.17 16.72
N ASN B 338 -13.71 29.09 17.08
CA ASN B 338 -14.16 30.11 16.14
C ASN B 338 -13.34 31.37 16.30
N LYS B 339 -12.03 31.15 16.31
CA LYS B 339 -11.02 32.20 16.41
C LYS B 339 -9.71 31.57 15.91
N ASN B 340 -8.98 32.27 15.06
CA ASN B 340 -7.72 31.76 14.54
C ASN B 340 -6.53 32.16 15.43
N TYR B 341 -6.19 31.31 16.39
CA TYR B 341 -5.08 31.57 17.28
C TYR B 341 -3.87 30.74 16.81
N PRO B 342 -2.65 31.14 17.20
CA PRO B 342 -1.38 30.48 16.83
C PRO B 342 -1.31 28.96 16.92
N ASN B 343 -0.82 28.33 15.84
CA ASN B 343 -0.68 26.89 15.76
C ASN B 343 0.07 26.29 16.97
N PRO B 344 1.22 26.87 17.35
CA PRO B 344 1.99 26.35 18.48
C PRO B 344 1.17 26.19 19.77
N ALA B 345 0.23 27.10 20.00
CA ALA B 345 -0.60 27.04 21.19
C ALA B 345 -1.57 25.84 21.11
N ARG B 346 -2.07 25.56 19.91
CA ARG B 346 -2.98 24.44 19.71
C ARG B 346 -2.25 23.13 19.97
N VAL B 347 -1.09 22.99 19.34
CA VAL B 347 -0.29 21.78 19.46
C VAL B 347 0.24 21.52 20.86
N ASP B 348 0.60 22.59 21.58
CA ASP B 348 1.11 22.43 22.94
C ASP B 348 0.00 21.86 23.82
N ALA B 349 -1.18 22.44 23.70
CA ALA B 349 -2.34 21.99 24.47
C ALA B 349 -2.65 20.53 24.15
N ALA B 350 -2.70 20.20 22.87
CA ALA B 350 -3.01 18.84 22.43
C ALA B 350 -1.99 17.83 22.97
N TRP B 351 -0.71 18.20 22.96
CA TRP B 351 0.33 17.32 23.47
C TRP B 351 0.21 17.13 24.98
N GLN B 352 -0.17 18.18 25.69
CA GLN B 352 -0.34 18.11 27.13
C GLN B 352 -1.40 17.05 27.46
N ILE B 353 -2.51 17.12 26.73
CA ILE B 353 -3.62 16.20 26.93
C ILE B 353 -3.29 14.75 26.58
N LEU B 354 -2.84 14.50 25.36
CA LEU B 354 -2.55 13.12 24.96
C LEU B 354 -1.38 12.50 25.69
N ASN B 355 -0.40 13.32 26.06
CA ASN B 355 0.76 12.78 26.77
C ASN B 355 0.40 12.38 28.18
N ALA B 356 -0.56 13.07 28.77
CA ALA B 356 -1.02 12.77 30.12
C ALA B 356 -1.84 11.49 30.09
N LEU B 357 -2.47 11.23 28.94
CA LEU B 357 -3.33 10.06 28.79
C LEU B 357 -2.64 8.81 28.28
N GLN B 358 -1.42 8.96 27.76
CA GLN B 358 -0.62 7.84 27.25
C GLN B 358 0.63 8.28 26.51
C1 C9P C . 14.39 -21.52 -10.66
N1 C9P C . 16.82 -23.66 -8.50
C16 C9P C . 15.31 -23.29 -14.75
C15 C9P C . 15.61 -21.91 -15.15
C14 C9P C . 17.01 -21.49 -15.37
C13 C9P C . 18.10 -22.44 -15.19
C12 C9P C . 17.82 -23.82 -14.80
C8 C9P C . 16.76 -26.20 -12.51
C9 C9P C . 16.21 -25.58 -11.32
O1 C9P C . 12.10 -22.44 -10.93
C2 C9P C . 14.89 -22.40 -9.63
C3 C9P C . 16.32 -22.74 -9.57
C4 C9P C . 17.22 -22.19 -10.61
O4 C9P C . 17.57 -25.97 -7.72
C10 C9P C . 16.92 -25.91 -10.23
C5 C9P C . 16.70 -21.32 -11.62
O5 C9P C . 14.60 -26.02 -13.95
C6 C9P C . 15.31 -20.98 -11.65
C7 C9P C . 17.84 -26.95 -12.27
O3 C9P C . 15.18 -25.63 -8.27
C01 C9P C . 18.68 -22.58 -10.59
O01 C9P C . 19.25 -23.36 -9.73
S1 C9P C . 16.58 -25.36 -8.57
O02 C9P C . 19.42 -22.09 -11.51
O2 C9P C . 12.55 -20.25 -11.86
S2 C9P C . 16.06 -25.96 -14.08
S3 C9P C . 18.28 -26.98 -10.55
O6 C9P C . 16.79 -26.68 -15.05
C11 C9P C . 16.41 -24.27 -14.57
B C9P C . 12.85 -21.16 -10.74
C1 C9P D . -4.75 27.11 4.80
N1 C9P D . -7.32 29.08 2.68
C16 C9P D . -3.44 30.30 7.70
C15 C9P D . -2.19 29.61 7.40
C14 C9P D . -1.25 30.17 6.42
C13 C9P D . -1.57 31.42 5.74
C12 C9P D . -2.81 32.12 6.03
C8 C9P D . -6.30 32.38 5.99
C9 C9P D . -6.86 31.14 5.48
O1 C9P D . -5.67 26.19 6.97
C2 C9P D . -6.00 27.55 4.21
C3 C9P D . -6.02 28.66 3.26
C4 C9P D . -4.75 29.36 2.92
O4 C9P D . -9.17 30.77 2.41
C10 C9P D . -7.62 31.35 4.38
C5 C9P D . -3.52 28.92 3.51
O5 C9P D . -5.95 31.59 8.40
C6 C9P D . -3.51 27.80 4.45
C7 C9P D . -6.64 33.45 5.24
O3 C9P D . -9.25 29.29 4.39
C01 C9P D . -4.80 30.52 1.94
O01 C9P D . -5.87 30.96 1.36
S1 C9P D . -8.47 30.10 3.46
O02 C9P D . -3.70 31.11 1.63
O2 C9P D . -3.37 25.62 6.34
S2 C9P D . -5.29 32.43 7.39
S3 C9P D . -7.69 33.06 3.88
O6 C9P D . -4.86 33.74 7.65
C11 C9P D . -3.77 31.57 7.02
B C9P D . -4.73 25.90 5.83
#